data_6N19
#
_entry.id   6N19
#
_cell.length_a   49.962
_cell.length_b   105.063
_cell.length_c   193.320
_cell.angle_alpha   90.00
_cell.angle_beta   90.00
_cell.angle_gamma   90.00
#
_symmetry.space_group_name_H-M   'P 21 21 21'
#
loop_
_entity.id
_entity.type
_entity.pdbx_description
1 polymer 'Tyrosyl-DNA phosphodiesterase 1'
2 non-polymer '4-[(4-carboxybutanoyl)amino]benzene-1,2-dicarboxylic acid'
3 non-polymer 1,2-ETHANEDIOL
4 water water
#
_entity_poly.entity_id   1
_entity_poly.type   'polypeptide(L)'
_entity_poly.pdbx_seq_one_letter_code
;SGEGQDIWDMLDKGNPFQFYLTRVSGVKPKYNSGALHIKDILSPLFGTLVSSAQFNYCFDVDWLVKQYPPEFRKKPILLV
HGDKREAKAHLHAQAKPYENISLCQAKLDIAFGTHHTKMMLLLYEEGLRVVIHTSNLIHADWHQKTQGIWLSPLYPRIAD
GTHKSGESPTHFKADLISYLMAYNAPSLKEWIDVIHKHDLSETNVYLIGSTPGRFQGSQKDNWGHFRLKKLLKDHASSMP
NAESWPVVGQFSSVGSLGADESKWLCSEFKESMLTLGKESKTPGKSSVPLYLIYPSVENVRTSLEGYPAGGSLPYSIQTA
EKQNWLHSYFHKWSAETSGRSNAMPHIKTYMRPSPDFSKIAWFLVTSANLSKAAWGALEKNGTQLMIRSYELGVLFLPSA
FGLDSFKVKQKFFAGSQEPMATFPVPYDLPPELYGSKDRPWIWNIPYVKAPDTHGNMWVPS
;
_entity_poly.pdbx_strand_id   A,B
#
# COMPACT_ATOMS: atom_id res chain seq x y z
N ASN A 15 -11.27 19.30 9.49
CA ASN A 15 -9.90 18.80 9.42
C ASN A 15 -9.86 17.34 8.97
N PRO A 16 -8.84 16.99 8.19
CA PRO A 16 -8.69 15.57 7.81
C PRO A 16 -7.94 14.74 8.83
N PHE A 17 -7.36 15.36 9.87
CA PHE A 17 -6.39 14.61 10.67
C PHE A 17 -7.02 13.88 11.84
N GLN A 18 -8.09 14.40 12.44
CA GLN A 18 -8.80 13.71 13.52
C GLN A 18 -7.84 13.42 14.67
N PHE A 19 -6.98 14.39 14.96
CA PHE A 19 -6.05 14.34 16.07
C PHE A 19 -6.57 15.30 17.12
N TYR A 20 -6.79 14.80 18.34
CA TYR A 20 -7.41 15.53 19.43
C TYR A 20 -6.54 15.49 20.68
N LEU A 21 -6.72 16.48 21.53
CA LEU A 21 -6.22 16.42 22.90
C LEU A 21 -7.36 16.08 23.84
N THR A 22 -7.01 15.54 25.01
CA THR A 22 -8.02 15.32 26.04
C THR A 22 -8.38 16.65 26.69
N ARG A 23 -9.56 16.67 27.31
CA ARG A 23 -10.01 17.84 28.06
C ARG A 23 -9.12 18.06 29.29
N VAL A 24 -8.82 19.32 29.59
CA VAL A 24 -8.04 19.70 30.76
C VAL A 24 -8.92 20.53 31.68
N SER A 25 -9.13 20.04 32.89
CA SER A 25 -9.89 20.81 33.88
C SER A 25 -9.06 21.99 34.38
N GLY A 26 -9.60 23.19 34.21
CA GLY A 26 -8.99 24.40 34.73
C GLY A 26 -8.53 25.38 33.68
N VAL A 27 -8.43 24.97 32.43
CA VAL A 27 -8.13 25.92 31.37
C VAL A 27 -9.43 26.57 30.90
N LYS A 28 -9.30 27.73 30.26
CA LYS A 28 -10.48 28.43 29.79
C LYS A 28 -11.17 27.61 28.69
N PRO A 29 -12.48 27.79 28.52
CA PRO A 29 -13.24 26.97 27.55
C PRO A 29 -12.66 26.96 26.13
N LYS A 30 -12.05 28.05 25.68
CA LYS A 30 -11.50 28.08 24.33
C LYS A 30 -10.42 27.03 24.12
N TYR A 31 -9.78 26.56 25.19
CA TYR A 31 -8.76 25.52 25.06
C TYR A 31 -9.31 24.11 25.27
N ASN A 32 -10.62 23.97 25.49
CA ASN A 32 -11.26 22.66 25.51
C ASN A 32 -12.30 22.49 24.42
N SER A 33 -12.57 23.52 23.62
CA SER A 33 -13.68 23.45 22.66
C SER A 33 -13.49 22.31 21.67
N GLY A 34 -12.27 22.10 21.20
CA GLY A 34 -11.97 21.01 20.31
C GLY A 34 -11.39 19.78 20.95
N ALA A 35 -11.44 19.67 22.28
CA ALA A 35 -10.85 18.54 23.00
C ALA A 35 -11.92 17.48 23.28
N LEU A 36 -11.47 16.28 23.66
CA LEU A 36 -12.36 15.17 23.94
C LEU A 36 -12.09 14.59 25.32
N HIS A 37 -13.14 14.44 26.11
CA HIS A 37 -13.07 13.60 27.29
C HIS A 37 -13.49 12.19 26.94
N ILE A 38 -13.14 11.24 27.82
CA ILE A 38 -13.49 9.84 27.55
C ILE A 38 -15.00 9.66 27.45
N LYS A 39 -15.77 10.43 28.21
CA LYS A 39 -17.23 10.35 28.10
C LYS A 39 -17.73 10.81 26.74
N ASP A 40 -17.02 11.75 26.09
CA ASP A 40 -17.38 12.14 24.73
C ASP A 40 -17.13 11.00 23.75
N ILE A 41 -15.98 10.32 23.88
CA ILE A 41 -15.62 9.24 22.97
C ILE A 41 -16.64 8.10 23.04
N LEU A 42 -17.10 7.77 24.24
CA LEU A 42 -18.01 6.63 24.44
C LEU A 42 -19.47 7.03 24.31
N SER A 43 -19.74 8.31 24.03
N SER A 43 -19.76 8.31 24.07
CA SER A 43 -21.10 8.83 23.96
CA SER A 43 -21.14 8.78 24.09
C SER A 43 -21.92 8.08 22.91
C SER A 43 -21.93 8.15 22.94
N PRO A 44 -23.25 8.03 23.06
N PRO A 44 -23.25 8.03 23.08
CA PRO A 44 -24.07 7.46 21.99
CA PRO A 44 -24.05 7.45 21.98
C PRO A 44 -23.99 8.24 20.69
C PRO A 44 -23.99 8.24 20.69
N LEU A 45 -23.55 9.51 20.74
CA LEU A 45 -23.38 10.28 19.52
C LEU A 45 -22.29 9.74 18.62
N PHE A 46 -21.34 8.98 19.18
CA PHE A 46 -20.29 8.37 18.36
C PHE A 46 -20.70 7.03 17.77
N GLY A 47 -21.77 6.44 18.27
CA GLY A 47 -22.24 5.16 17.79
C GLY A 47 -23.01 4.42 18.88
N THR A 48 -23.83 3.47 18.44
CA THR A 48 -24.63 2.66 19.36
C THR A 48 -23.80 1.43 19.72
N LEU A 49 -23.22 1.44 20.92
CA LEU A 49 -22.24 0.43 21.30
C LEU A 49 -22.85 -0.95 21.46
N VAL A 50 -22.21 -1.92 20.81
N VAL A 50 -22.17 -1.97 20.93
CA VAL A 50 -22.50 -3.34 20.95
CA VAL A 50 -22.54 -3.35 21.24
C VAL A 50 -21.50 -4.00 21.89
C VAL A 50 -21.42 -4.15 21.89
N SER A 51 -20.21 -3.72 21.70
N SER A 51 -20.16 -3.74 21.72
CA SER A 51 -19.15 -4.25 22.55
CA SER A 51 -19.03 -4.42 22.35
C SER A 51 -17.91 -3.39 22.35
C SER A 51 -17.81 -3.52 22.23
N SER A 52 -16.93 -3.59 23.22
CA SER A 52 -15.70 -2.80 23.16
C SER A 52 -14.52 -3.57 23.72
N ALA A 53 -13.33 -3.19 23.26
CA ALA A 53 -12.06 -3.68 23.77
C ALA A 53 -11.24 -2.47 24.20
N GLN A 54 -10.71 -2.53 25.42
CA GLN A 54 -9.88 -1.48 25.99
C GLN A 54 -8.48 -2.05 26.20
N PHE A 55 -7.54 -1.64 25.36
CA PHE A 55 -6.13 -2.00 25.49
C PHE A 55 -5.47 -0.93 26.35
N ASN A 56 -4.77 -1.32 27.40
CA ASN A 56 -4.12 -0.29 28.19
C ASN A 56 -3.08 -0.90 29.11
N TYR A 57 -2.49 -0.02 29.94
CA TYR A 57 -1.53 -0.41 30.96
C TYR A 57 -2.17 -0.48 32.34
N CYS A 58 -2.77 0.62 32.78
CA CYS A 58 -3.36 0.76 34.11
C CYS A 58 -4.86 1.01 33.96
N PHE A 59 -5.64 0.37 34.82
CA PHE A 59 -7.11 0.44 34.78
C PHE A 59 -7.66 0.74 36.17
N ASP A 60 -8.63 1.65 36.24
CA ASP A 60 -9.52 1.76 37.40
C ASP A 60 -10.88 1.31 36.88
N VAL A 61 -11.25 0.06 37.17
CA VAL A 61 -12.41 -0.52 36.49
C VAL A 61 -13.70 0.16 36.94
N ASP A 62 -13.84 0.45 38.23
N ASP A 62 -13.83 0.46 38.23
CA ASP A 62 -15.02 1.18 38.68
CA ASP A 62 -15.00 1.18 38.71
C ASP A 62 -15.17 2.50 37.93
C ASP A 62 -15.17 2.51 37.98
N TRP A 63 -14.08 3.26 37.84
CA TRP A 63 -14.11 4.52 37.11
C TRP A 63 -14.42 4.28 35.64
N LEU A 64 -13.79 3.29 35.03
CA LEU A 64 -13.94 3.05 33.60
C LEU A 64 -15.40 2.78 33.23
N VAL A 65 -16.07 1.90 33.98
CA VAL A 65 -17.46 1.57 33.66
C VAL A 65 -18.34 2.81 33.75
N LYS A 66 -18.06 3.68 34.74
CA LYS A 66 -18.82 4.92 34.85
C LYS A 66 -18.61 5.87 33.67
N GLN A 67 -17.57 5.68 32.85
CA GLN A 67 -17.38 6.56 31.70
C GLN A 67 -18.23 6.15 30.51
N TYR A 68 -18.70 4.91 30.49
CA TYR A 68 -19.63 4.51 29.45
C TYR A 68 -21.01 5.09 29.75
N PRO A 69 -21.81 5.39 28.73
CA PRO A 69 -23.18 5.85 28.98
C PRO A 69 -23.96 4.80 29.75
N PRO A 70 -24.85 5.21 30.65
CA PRO A 70 -25.56 4.22 31.46
C PRO A 70 -26.22 3.12 30.63
N GLU A 71 -26.79 3.48 29.48
CA GLU A 71 -27.46 2.48 28.64
C GLU A 71 -26.49 1.50 28.00
N PHE A 72 -25.18 1.78 28.02
CA PHE A 72 -24.18 0.90 27.41
C PHE A 72 -23.33 0.16 28.44
N ARG A 73 -23.59 0.34 29.74
CA ARG A 73 -22.66 -0.15 30.75
C ARG A 73 -22.68 -1.66 30.94
N LYS A 74 -23.66 -2.36 30.39
CA LYS A 74 -23.69 -3.81 30.49
C LYS A 74 -23.24 -4.51 29.21
N LYS A 75 -22.87 -3.74 28.18
CA LYS A 75 -22.33 -4.36 26.97
C LYS A 75 -20.97 -4.97 27.25
N PRO A 76 -20.60 -6.04 26.53
CA PRO A 76 -19.32 -6.70 26.78
C PRO A 76 -18.14 -5.74 26.64
N ILE A 77 -17.20 -5.85 27.58
CA ILE A 77 -15.94 -5.10 27.57
C ILE A 77 -14.81 -6.10 27.75
N LEU A 78 -13.82 -6.03 26.87
CA LEU A 78 -12.59 -6.82 27.00
C LEU A 78 -11.48 -5.88 27.44
N LEU A 79 -10.80 -6.22 28.54
CA LEU A 79 -9.64 -5.45 29.01
C LEU A 79 -8.37 -6.20 28.60
N VAL A 80 -7.54 -5.57 27.77
CA VAL A 80 -6.29 -6.16 27.33
C VAL A 80 -5.16 -5.51 28.09
N HIS A 81 -4.42 -6.31 28.86
CA HIS A 81 -3.46 -5.82 29.85
C HIS A 81 -2.23 -6.73 29.83
N GLY A 82 -1.19 -6.32 30.56
CA GLY A 82 0.03 -7.12 30.63
C GLY A 82 0.38 -7.61 32.02
N ASP A 83 -0.55 -7.50 32.96
CA ASP A 83 -0.25 -7.77 34.37
C ASP A 83 -0.04 -9.26 34.63
N LYS A 84 0.84 -9.54 35.60
CA LYS A 84 1.18 -10.89 36.01
C LYS A 84 1.03 -11.00 37.52
N ARG A 85 0.94 -12.24 37.99
CA ARG A 85 1.03 -12.56 39.42
C ARG A 85 0.04 -11.73 40.24
N GLU A 86 0.53 -11.01 41.25
CA GLU A 86 -0.38 -10.30 42.14
C GLU A 86 -1.06 -9.13 41.44
N ALA A 87 -0.35 -8.46 40.53
CA ALA A 87 -0.98 -7.40 39.76
C ALA A 87 -2.14 -7.92 38.93
N LYS A 88 -1.96 -9.08 38.31
CA LYS A 88 -3.04 -9.70 37.54
C LYS A 88 -4.21 -10.05 38.46
N ALA A 89 -3.92 -10.60 39.64
CA ALA A 89 -5.00 -10.94 40.56
C ALA A 89 -5.76 -9.69 40.99
N HIS A 90 -5.06 -8.58 41.22
CA HIS A 90 -5.74 -7.35 41.60
C HIS A 90 -6.68 -6.87 40.50
N LEU A 91 -6.25 -6.97 39.24
CA LEU A 91 -7.11 -6.51 38.16
C LEU A 91 -8.35 -7.40 38.03
N HIS A 92 -8.16 -8.72 38.12
CA HIS A 92 -9.30 -9.62 38.10
C HIS A 92 -10.29 -9.29 39.22
N ALA A 93 -9.76 -8.94 40.40
CA ALA A 93 -10.63 -8.58 41.52
C ALA A 93 -11.42 -7.31 41.24
N GLN A 94 -10.79 -6.35 40.55
CA GLN A 94 -11.49 -5.12 40.17
C GLN A 94 -12.66 -5.41 39.23
N ALA A 95 -12.48 -6.38 38.33
CA ALA A 95 -13.46 -6.64 37.29
C ALA A 95 -14.55 -7.62 37.71
N LYS A 96 -14.26 -8.50 38.67
CA LYS A 96 -15.22 -9.53 39.06
C LYS A 96 -16.62 -9.02 39.38
N PRO A 97 -16.82 -7.81 39.95
CA PRO A 97 -18.20 -7.33 40.15
C PRO A 97 -19.00 -7.13 38.87
N TYR A 98 -18.35 -7.06 37.71
CA TYR A 98 -19.00 -6.73 36.44
C TYR A 98 -18.98 -7.97 35.56
N GLU A 99 -20.12 -8.64 35.43
CA GLU A 99 -20.19 -9.91 34.70
C GLU A 99 -19.90 -9.75 33.22
N ASN A 100 -20.04 -8.53 32.68
CA ASN A 100 -19.82 -8.27 31.26
C ASN A 100 -18.36 -8.02 30.92
N ILE A 101 -17.46 -8.02 31.89
CA ILE A 101 -16.06 -7.69 31.63
C ILE A 101 -15.22 -8.96 31.56
N SER A 102 -14.51 -9.14 30.46
N SER A 102 -14.49 -9.13 30.48
CA SER A 102 -13.51 -10.18 30.30
CA SER A 102 -13.51 -10.20 30.35
C SER A 102 -12.13 -9.57 30.23
C SER A 102 -12.13 -9.59 30.18
N LEU A 103 -11.11 -10.40 30.45
CA LEU A 103 -9.73 -9.95 30.49
C LEU A 103 -8.90 -10.78 29.54
N CYS A 104 -7.93 -10.14 28.92
CA CYS A 104 -6.96 -10.83 28.07
C CYS A 104 -5.58 -10.41 28.52
N GLN A 105 -4.79 -11.36 29.00
CA GLN A 105 -3.43 -11.08 29.45
C GLN A 105 -2.48 -11.22 28.28
N ALA A 106 -1.90 -10.10 27.86
CA ALA A 106 -0.97 -10.11 26.74
C ALA A 106 0.34 -10.76 27.20
N LYS A 107 0.83 -11.73 26.42
CA LYS A 107 2.06 -12.41 26.80
C LYS A 107 3.25 -11.46 26.70
N LEU A 108 4.11 -11.51 27.73
CA LEU A 108 5.31 -10.68 27.82
C LEU A 108 6.47 -11.64 28.12
N ASP A 109 6.96 -12.32 27.09
CA ASP A 109 7.92 -13.41 27.27
C ASP A 109 9.37 -12.93 27.27
N ILE A 110 9.61 -11.65 27.03
CA ILE A 110 10.93 -11.05 27.19
C ILE A 110 10.91 -10.23 28.47
N ALA A 111 11.99 -10.31 29.24
CA ALA A 111 12.03 -9.66 30.53
C ALA A 111 11.92 -8.14 30.39
N PHE A 112 11.32 -7.51 31.40
CA PHE A 112 11.25 -6.05 31.52
C PHE A 112 10.41 -5.42 30.40
N GLY A 113 9.44 -6.17 29.89
CA GLY A 113 8.50 -5.63 28.92
C GLY A 113 7.19 -5.21 29.58
N THR A 114 6.44 -4.38 28.85
CA THR A 114 5.22 -3.80 29.35
C THR A 114 4.17 -3.85 28.25
N HIS A 115 2.90 -4.01 28.62
CA HIS A 115 1.81 -3.80 27.66
C HIS A 115 1.41 -2.33 27.73
N HIS A 116 2.00 -1.53 26.85
CA HIS A 116 1.88 -0.09 26.92
C HIS A 116 0.82 0.48 25.98
N THR A 117 0.43 -0.25 24.95
CA THR A 117 -0.55 0.19 23.97
C THR A 117 -1.85 0.69 24.58
N LYS A 118 -2.34 1.83 24.09
CA LYS A 118 -3.60 2.41 24.55
C LYS A 118 -4.50 2.55 23.33
N MET A 119 -5.56 1.74 23.29
CA MET A 119 -6.40 1.62 22.10
C MET A 119 -7.78 1.20 22.54
N MET A 120 -8.80 1.76 21.89
CA MET A 120 -10.17 1.30 22.04
C MET A 120 -10.65 0.74 20.72
N LEU A 121 -11.24 -0.45 20.76
CA LEU A 121 -11.99 -0.96 19.62
C LEU A 121 -13.47 -0.87 20.01
N LEU A 122 -14.24 -0.15 19.19
CA LEU A 122 -15.62 0.18 19.56
C LEU A 122 -16.51 -0.36 18.46
N LEU A 123 -17.24 -1.43 18.76
CA LEU A 123 -18.13 -2.05 17.77
C LEU A 123 -19.53 -1.52 17.99
N TYR A 124 -20.13 -0.99 16.94
CA TYR A 124 -21.43 -0.36 17.00
C TYR A 124 -22.42 -1.12 16.13
N GLU A 125 -23.71 -0.81 16.36
CA GLU A 125 -24.72 -1.21 15.40
C GLU A 125 -24.41 -0.70 14.00
N GLU A 126 -23.81 0.49 13.92
CA GLU A 126 -23.61 1.23 12.68
C GLU A 126 -22.27 0.98 12.01
N GLY A 127 -21.36 0.27 12.67
CA GLY A 127 -20.03 0.11 12.11
C GLY A 127 -19.02 -0.11 13.22
N LEU A 128 -17.78 0.27 12.94
CA LEU A 128 -16.66 0.03 13.85
C LEU A 128 -15.82 1.29 13.95
N ARG A 129 -15.31 1.58 15.15
CA ARG A 129 -14.36 2.67 15.31
C ARG A 129 -13.13 2.19 16.06
N VAL A 130 -11.98 2.74 15.68
CA VAL A 130 -10.71 2.48 16.34
C VAL A 130 -10.22 3.79 16.93
N VAL A 131 -9.78 3.77 18.20
CA VAL A 131 -9.26 4.95 18.88
C VAL A 131 -7.86 4.58 19.38
N ILE A 132 -6.86 5.31 18.93
CA ILE A 132 -5.49 5.05 19.40
C ILE A 132 -5.06 6.30 20.15
N HIS A 133 -4.63 6.14 21.40
CA HIS A 133 -4.50 7.31 22.26
C HIS A 133 -3.37 7.07 23.25
N THR A 134 -3.24 7.98 24.23
CA THR A 134 -2.08 7.91 25.11
C THR A 134 -2.42 7.80 26.59
N SER A 135 -3.69 7.72 26.95
CA SER A 135 -4.10 7.85 28.34
C SER A 135 -4.39 6.50 28.99
N ASN A 136 -3.94 6.33 30.24
CA ASN A 136 -4.40 5.21 31.04
C ASN A 136 -5.86 5.39 31.40
N LEU A 137 -6.50 4.29 31.79
CA LEU A 137 -7.94 4.33 32.11
C LEU A 137 -8.14 4.55 33.61
N ILE A 138 -7.69 5.72 34.05
CA ILE A 138 -7.80 6.18 35.42
C ILE A 138 -8.11 7.67 35.37
N HIS A 139 -8.78 8.17 36.43
CA HIS A 139 -9.26 9.55 36.43
C HIS A 139 -8.13 10.55 36.19
N ALA A 140 -6.97 10.34 36.83
CA ALA A 140 -5.91 11.34 36.77
C ALA A 140 -5.38 11.53 35.35
N ASP A 141 -5.44 10.50 34.52
CA ASP A 141 -4.87 10.65 33.19
C ASP A 141 -5.72 11.49 32.27
N TRP A 142 -6.99 11.72 32.60
CA TRP A 142 -7.89 12.50 31.77
C TRP A 142 -8.25 13.82 32.43
N HIS A 143 -7.60 14.14 33.55
CA HIS A 143 -7.99 15.29 34.37
C HIS A 143 -7.23 16.55 33.96
N GLN A 144 -5.91 16.58 34.20
CA GLN A 144 -5.15 17.79 33.95
C GLN A 144 -3.84 17.51 33.21
N LYS A 145 -3.83 16.50 32.34
CA LYS A 145 -2.65 16.17 31.55
C LYS A 145 -2.87 16.53 30.09
N THR A 146 -1.76 16.70 29.38
CA THR A 146 -1.79 16.77 27.92
C THR A 146 -1.70 15.34 27.38
N GLN A 147 -2.76 14.87 26.71
CA GLN A 147 -2.83 13.53 26.15
C GLN A 147 -3.32 13.64 24.72
N GLY A 148 -2.96 12.67 23.88
CA GLY A 148 -3.32 12.67 22.47
C GLY A 148 -4.26 11.55 22.11
N ILE A 149 -5.13 11.83 21.12
CA ILE A 149 -6.15 10.90 20.64
C ILE A 149 -6.18 10.95 19.11
N TRP A 150 -6.15 9.79 18.46
CA TRP A 150 -6.53 9.68 17.05
C TRP A 150 -7.85 8.93 16.97
N LEU A 151 -8.83 9.54 16.32
CA LEU A 151 -10.15 8.94 16.15
C LEU A 151 -10.29 8.47 14.71
N SER A 152 -10.52 7.17 14.54
CA SER A 152 -10.78 6.67 13.20
C SER A 152 -12.14 7.16 12.69
N PRO A 153 -12.35 7.13 11.37
CA PRO A 153 -13.70 7.27 10.83
C PRO A 153 -14.60 6.16 11.34
N LEU A 154 -15.91 6.35 11.20
CA LEU A 154 -16.84 5.25 11.40
C LEU A 154 -16.72 4.31 10.22
N TYR A 155 -16.24 3.09 10.46
CA TYR A 155 -16.01 2.15 9.38
C TYR A 155 -17.28 1.34 9.16
N PRO A 156 -17.88 1.35 7.97
CA PRO A 156 -19.10 0.57 7.77
C PRO A 156 -18.80 -0.92 7.62
N ARG A 157 -19.81 -1.71 7.90
CA ARG A 157 -19.72 -3.16 7.71
C ARG A 157 -19.78 -3.51 6.23
N ILE A 158 -18.97 -4.49 5.82
CA ILE A 158 -19.06 -5.02 4.47
C ILE A 158 -20.25 -5.97 4.41
N ALA A 159 -21.06 -5.83 3.36
CA ALA A 159 -22.25 -6.65 3.22
C ALA A 159 -21.92 -8.14 3.18
N ASP A 160 -22.75 -8.94 3.84
CA ASP A 160 -22.59 -10.39 3.80
C ASP A 160 -22.69 -10.89 2.36
N GLY A 161 -21.69 -11.67 1.95
CA GLY A 161 -21.61 -12.15 0.58
C GLY A 161 -20.86 -11.24 -0.37
N THR A 162 -20.56 -10.01 0.04
CA THR A 162 -19.72 -9.12 -0.75
C THR A 162 -18.25 -9.43 -0.50
N HIS A 163 -17.46 -9.52 -1.56
CA HIS A 163 -16.04 -9.78 -1.45
C HIS A 163 -15.28 -8.51 -1.82
N LYS A 164 -14.78 -7.80 -0.82
CA LYS A 164 -13.90 -6.66 -1.05
C LYS A 164 -12.87 -6.66 0.05
N SER A 165 -11.75 -5.99 -0.21
CA SER A 165 -10.69 -5.97 0.80
C SER A 165 -11.06 -5.08 1.97
N GLY A 166 -11.72 -3.94 1.73
CA GLY A 166 -11.88 -2.97 2.81
C GLY A 166 -10.59 -2.33 3.23
N GLU A 167 -9.56 -2.38 2.39
CA GLU A 167 -8.23 -1.91 2.73
C GLU A 167 -8.02 -0.47 2.30
N SER A 168 -7.21 0.26 3.08
CA SER A 168 -6.88 1.65 2.80
C SER A 168 -5.57 1.75 2.01
N PRO A 169 -5.28 2.90 1.40
CA PRO A 169 -3.96 3.05 0.75
C PRO A 169 -2.80 2.96 1.72
N THR A 170 -3.03 3.16 3.01
CA THR A 170 -1.97 3.03 4.00
C THR A 170 -1.84 1.62 4.57
N HIS A 171 -2.66 0.67 4.12
CA HIS A 171 -2.60 -0.72 4.56
C HIS A 171 -3.00 -0.88 6.01
N PHE A 172 -3.79 0.08 6.54
CA PHE A 172 -4.10 0.09 7.95
C PHE A 172 -4.87 -1.17 8.39
N LYS A 173 -5.77 -1.68 7.55
CA LYS A 173 -6.57 -2.82 7.98
C LYS A 173 -5.71 -4.06 8.20
N ALA A 174 -4.90 -4.42 7.18
CA ALA A 174 -4.00 -5.55 7.34
C ALA A 174 -2.99 -5.30 8.46
N ASP A 175 -2.52 -4.06 8.61
CA ASP A 175 -1.52 -3.80 9.65
C ASP A 175 -2.11 -3.91 11.05
N LEU A 176 -3.34 -3.45 11.25
CA LEU A 176 -3.99 -3.63 12.54
C LEU A 176 -4.25 -5.10 12.83
N ILE A 177 -4.69 -5.86 11.82
CA ILE A 177 -4.89 -7.28 12.05
C ILE A 177 -3.57 -7.96 12.40
N SER A 178 -2.48 -7.58 11.72
N SER A 178 -2.49 -7.57 11.73
CA SER A 178 -1.17 -8.13 12.02
CA SER A 178 -1.17 -8.16 12.05
C SER A 178 -0.74 -7.83 13.46
C SER A 178 -0.75 -7.83 13.47
N TYR A 179 -0.99 -6.60 13.91
CA TYR A 179 -0.68 -6.24 15.29
C TYR A 179 -1.44 -7.11 16.28
N LEU A 180 -2.74 -7.31 16.03
CA LEU A 180 -3.55 -8.13 16.94
C LEU A 180 -3.17 -9.61 16.86
N MET A 181 -2.77 -10.09 15.67
N MET A 181 -2.78 -10.09 15.67
CA MET A 181 -2.40 -11.49 15.54
CA MET A 181 -2.38 -11.49 15.53
C MET A 181 -1.19 -11.83 16.40
C MET A 181 -1.20 -11.82 16.42
N ALA A 182 -0.31 -10.85 16.65
CA ALA A 182 0.89 -11.10 17.42
C ALA A 182 0.59 -11.50 18.86
N TYR A 183 -0.61 -11.16 19.37
CA TYR A 183 -0.98 -11.54 20.72
C TYR A 183 -1.25 -13.04 20.84
N ASN A 184 -1.67 -13.68 19.75
N ASN A 184 -1.64 -13.69 19.75
CA ASN A 184 -1.99 -15.11 19.77
CA ASN A 184 -2.01 -15.11 19.77
C ASN A 184 -3.07 -15.41 20.81
C ASN A 184 -3.06 -15.40 20.84
N ALA A 185 -4.09 -14.55 20.89
CA ALA A 185 -5.10 -14.59 21.95
C ALA A 185 -6.49 -14.86 21.36
N PRO A 186 -7.26 -15.79 21.92
CA PRO A 186 -8.59 -16.06 21.34
C PRO A 186 -9.54 -14.89 21.39
N SER A 187 -9.53 -14.10 22.47
CA SER A 187 -10.43 -12.94 22.53
C SER A 187 -10.09 -11.94 21.45
N LEU A 188 -8.83 -11.86 21.04
CA LEU A 188 -8.45 -10.93 20.01
C LEU A 188 -8.64 -11.49 18.61
N LYS A 189 -8.63 -12.81 18.45
CA LYS A 189 -9.06 -13.35 17.16
C LYS A 189 -10.51 -12.98 16.87
N GLU A 190 -11.36 -12.91 17.91
CA GLU A 190 -12.73 -12.44 17.70
C GLU A 190 -12.74 -11.03 17.16
N TRP A 191 -11.88 -10.16 17.67
CA TRP A 191 -11.82 -8.79 17.17
C TRP A 191 -11.20 -8.73 15.77
N ILE A 192 -10.26 -9.61 15.47
CA ILE A 192 -9.75 -9.71 14.10
C ILE A 192 -10.88 -10.03 13.15
N ASP A 193 -11.76 -10.96 13.53
CA ASP A 193 -12.86 -11.32 12.66
C ASP A 193 -13.82 -10.15 12.48
N VAL A 194 -14.03 -9.36 13.54
CA VAL A 194 -14.83 -8.14 13.42
C VAL A 194 -14.19 -7.18 12.41
N ILE A 195 -12.89 -6.94 12.54
CA ILE A 195 -12.22 -6.00 11.64
C ILE A 195 -12.29 -6.48 10.20
N HIS A 196 -12.11 -7.79 9.97
CA HIS A 196 -12.22 -8.36 8.62
C HIS A 196 -13.55 -8.01 7.95
N LYS A 197 -14.62 -7.99 8.73
CA LYS A 197 -15.95 -7.70 8.21
C LYS A 197 -16.23 -6.22 7.99
N HIS A 198 -15.28 -5.32 8.26
CA HIS A 198 -15.53 -3.89 8.08
C HIS A 198 -14.63 -3.29 7.01
N ASP A 199 -15.09 -2.16 6.48
CA ASP A 199 -14.41 -1.43 5.40
C ASP A 199 -13.61 -0.30 6.04
N LEU A 200 -12.29 -0.45 6.07
CA LEU A 200 -11.40 0.56 6.65
C LEU A 200 -10.70 1.40 5.59
N SER A 201 -11.25 1.44 4.37
CA SER A 201 -10.55 2.04 3.24
C SER A 201 -10.33 3.55 3.39
N GLU A 202 -11.13 4.24 4.22
CA GLU A 202 -10.97 5.69 4.35
C GLU A 202 -9.78 6.09 5.23
N THR A 203 -9.08 5.13 5.81
CA THR A 203 -8.01 5.45 6.76
C THR A 203 -6.81 6.07 6.07
N ASN A 204 -6.38 7.24 6.57
N ASN A 204 -6.36 7.22 6.56
CA ASN A 204 -5.28 7.98 5.97
CA ASN A 204 -5.23 7.89 5.95
C ASN A 204 -4.00 8.00 6.82
C ASN A 204 -4.09 8.13 6.93
N VAL A 205 -3.97 7.27 7.94
CA VAL A 205 -2.78 7.18 8.77
C VAL A 205 -2.16 5.80 8.62
N TYR A 206 -0.86 5.71 8.87
CA TYR A 206 -0.13 4.46 8.92
C TYR A 206 0.01 4.00 10.36
N LEU A 207 -0.18 2.70 10.59
CA LEU A 207 -0.01 2.14 11.92
C LEU A 207 1.45 1.87 12.18
N ILE A 208 1.95 2.26 13.36
CA ILE A 208 3.29 1.89 13.78
C ILE A 208 3.16 1.20 15.13
N GLY A 209 3.37 -0.10 15.15
CA GLY A 209 3.30 -0.84 16.40
C GLY A 209 4.62 -1.45 16.81
N SER A 210 4.69 -1.79 18.09
CA SER A 210 5.74 -2.64 18.63
C SER A 210 5.07 -3.83 19.29
N THR A 211 5.69 -4.99 19.14
N THR A 211 5.67 -5.00 19.10
CA THR A 211 5.25 -6.18 19.85
CA THR A 211 5.26 -6.20 19.83
C THR A 211 6.50 -6.95 20.27
C THR A 211 6.53 -6.90 20.31
N PRO A 212 6.45 -7.65 21.41
CA PRO A 212 7.66 -8.29 21.93
C PRO A 212 8.17 -9.37 20.99
N GLY A 213 9.48 -9.41 20.83
CA GLY A 213 10.07 -10.51 20.08
C GLY A 213 11.45 -10.16 19.56
N ARG A 214 11.98 -11.08 18.77
N ARG A 214 11.98 -11.07 18.75
CA ARG A 214 13.28 -10.92 18.11
CA ARG A 214 13.28 -10.91 18.12
C ARG A 214 13.03 -11.12 16.62
C ARG A 214 13.08 -11.13 16.62
N PHE A 215 13.15 -10.04 15.86
CA PHE A 215 12.75 -10.04 14.47
C PHE A 215 13.94 -9.95 13.52
N GLN A 216 14.01 -10.89 12.58
CA GLN A 216 15.06 -10.93 11.58
C GLN A 216 14.44 -10.91 10.18
N GLY A 217 15.28 -10.56 9.20
CA GLY A 217 14.94 -10.59 7.78
C GLY A 217 13.56 -10.09 7.37
N SER A 218 12.70 -11.03 6.99
CA SER A 218 11.34 -10.70 6.53
C SER A 218 10.56 -9.87 7.53
N GLN A 219 10.91 -9.92 8.81
CA GLN A 219 10.08 -9.35 9.86
C GLN A 219 10.70 -8.12 10.52
N LYS A 220 11.95 -7.78 10.19
CA LYS A 220 12.63 -6.68 10.86
C LYS A 220 11.92 -5.35 10.63
N ASP A 221 11.26 -5.18 9.49
CA ASP A 221 10.61 -3.93 9.13
C ASP A 221 9.18 -3.84 9.66
N ASN A 222 8.69 -4.86 10.36
CA ASN A 222 7.30 -4.89 10.80
C ASN A 222 7.05 -3.97 12.00
N TRP A 223 8.06 -3.71 12.83
CA TRP A 223 7.80 -3.16 14.15
C TRP A 223 8.82 -2.09 14.55
N GLY A 224 8.42 -1.25 15.51
CA GLY A 224 9.39 -0.37 16.13
C GLY A 224 10.03 0.63 15.19
N HIS A 225 11.29 0.97 15.47
CA HIS A 225 11.86 2.06 14.69
C HIS A 225 12.23 1.63 13.27
N PHE A 226 12.37 0.32 13.03
CA PHE A 226 12.56 -0.14 11.66
C PHE A 226 11.26 -0.02 10.86
N ARG A 227 10.11 -0.21 11.51
CA ARG A 227 8.84 0.04 10.84
C ARG A 227 8.73 1.51 10.43
N LEU A 228 9.09 2.42 11.33
CA LEU A 228 9.09 3.84 11.00
C LEU A 228 10.03 4.13 9.84
N LYS A 229 11.26 3.59 9.90
CA LYS A 229 12.23 3.77 8.83
C LYS A 229 11.68 3.29 7.49
N LYS A 230 11.03 2.14 7.48
CA LYS A 230 10.51 1.60 6.23
C LYS A 230 9.45 2.51 5.63
N LEU A 231 8.54 3.02 6.47
CA LEU A 231 7.48 3.90 5.99
C LEU A 231 8.04 5.22 5.46
N LEU A 232 9.07 5.75 6.11
CA LEU A 232 9.67 6.99 5.67
C LEU A 232 10.47 6.80 4.38
N LYS A 233 11.12 5.64 4.24
CA LYS A 233 11.81 5.34 2.98
C LYS A 233 10.82 5.22 1.83
N ASP A 234 9.67 4.57 2.06
CA ASP A 234 8.71 4.25 1.00
C ASP A 234 7.74 5.38 0.70
N HIS A 235 7.43 6.25 1.66
CA HIS A 235 6.29 7.14 1.50
C HIS A 235 6.60 8.59 1.85
N ALA A 236 7.87 8.93 2.00
CA ALA A 236 8.31 10.31 2.15
C ALA A 236 9.43 10.55 1.16
N SER A 237 9.68 11.81 0.84
CA SER A 237 10.73 12.16 -0.09
C SER A 237 11.76 13.02 0.64
N SER A 238 13.01 12.88 0.25
CA SER A 238 14.05 13.73 0.80
C SER A 238 14.08 15.04 0.04
N MET A 239 14.28 16.13 0.76
CA MET A 239 14.34 17.46 0.20
C MET A 239 15.77 18.00 0.27
N PRO A 240 16.09 19.05 -0.48
CA PRO A 240 17.40 19.68 -0.32
C PRO A 240 17.56 20.22 1.09
N ASN A 241 18.80 20.17 1.59
CA ASN A 241 19.12 20.61 2.94
C ASN A 241 18.34 19.81 3.98
N ALA A 242 18.00 18.56 3.66
CA ALA A 242 17.34 17.69 4.63
C ALA A 242 18.13 17.59 5.92
N GLU A 243 19.46 17.68 5.83
CA GLU A 243 20.32 17.65 7.01
C GLU A 243 20.00 18.76 7.99
N SER A 244 19.30 19.81 7.53
CA SER A 244 18.95 20.94 8.38
C SER A 244 17.58 20.78 9.03
N TRP A 245 16.79 19.78 8.65
CA TRP A 245 15.47 19.55 9.22
C TRP A 245 15.63 18.77 10.52
N PRO A 246 15.31 19.36 11.66
CA PRO A 246 15.50 18.65 12.93
C PRO A 246 14.58 17.46 13.10
N VAL A 247 14.92 16.63 14.08
CA VAL A 247 14.03 15.61 14.61
C VAL A 247 13.63 16.06 16.01
N VAL A 248 12.34 15.93 16.32
CA VAL A 248 11.81 16.26 17.65
C VAL A 248 11.18 15.02 18.24
N GLY A 249 11.56 14.68 19.47
CA GLY A 249 10.94 13.61 20.22
C GLY A 249 10.44 14.18 21.54
N GLN A 250 9.28 13.69 21.98
CA GLN A 250 8.56 14.26 23.12
C GLN A 250 7.86 13.12 23.85
N PHE A 251 8.11 12.98 25.15
CA PHE A 251 7.80 11.72 25.82
C PHE A 251 7.62 11.98 27.32
N SER A 252 7.09 10.96 28.01
CA SER A 252 6.85 11.04 29.44
C SER A 252 7.79 10.19 30.27
N SER A 253 8.65 9.40 29.65
CA SER A 253 9.61 8.58 30.38
C SER A 253 10.78 8.26 29.47
N VAL A 254 11.89 7.86 30.10
CA VAL A 254 13.15 7.57 29.43
C VAL A 254 13.68 6.27 29.99
N GLY A 255 14.11 5.37 29.10
CA GLY A 255 14.77 4.15 29.53
C GLY A 255 16.28 4.31 29.58
N SER A 256 16.96 3.22 29.89
N SER A 256 16.96 3.22 29.89
CA SER A 256 18.42 3.22 29.87
CA SER A 256 18.42 3.20 29.87
C SER A 256 18.90 3.16 28.43
C SER A 256 18.89 3.16 28.42
N LEU A 257 19.58 4.22 27.98
CA LEU A 257 19.99 4.34 26.59
C LEU A 257 21.45 4.02 26.35
N GLY A 258 22.23 3.81 27.40
CA GLY A 258 23.64 3.48 27.25
C GLY A 258 24.55 4.59 27.74
N ALA A 259 25.85 4.27 27.72
CA ALA A 259 26.85 5.14 28.32
C ALA A 259 27.13 6.40 27.50
N ASP A 260 26.73 6.43 26.23
CA ASP A 260 26.90 7.62 25.41
C ASP A 260 25.92 7.56 24.26
N GLU A 261 25.85 8.67 23.51
CA GLU A 261 24.83 8.80 22.47
C GLU A 261 25.06 7.84 21.31
N SER A 262 26.29 7.37 21.11
CA SER A 262 26.55 6.48 19.99
C SER A 262 26.01 5.08 20.22
N LYS A 263 25.61 4.74 21.45
CA LYS A 263 25.23 3.37 21.75
C LYS A 263 23.87 3.02 21.14
N TRP A 264 22.94 3.98 21.11
CA TRP A 264 21.61 3.71 20.56
C TRP A 264 20.92 4.97 20.07
N LEU A 265 20.98 6.04 20.86
CA LEU A 265 20.16 7.22 20.57
C LEU A 265 20.49 7.81 19.21
N CYS A 266 21.76 8.07 18.95
CA CYS A 266 22.12 8.72 17.71
C CYS A 266 22.58 7.73 16.65
N SER A 267 22.77 6.46 17.01
CA SER A 267 23.27 5.48 16.06
C SER A 267 22.14 4.77 15.32
N GLU A 268 21.18 4.19 16.03
CA GLU A 268 20.08 3.53 15.33
C GLU A 268 18.74 4.25 15.46
N PHE A 269 18.41 4.80 16.64
CA PHE A 269 17.15 5.51 16.79
C PHE A 269 17.09 6.76 15.90
N LYS A 270 18.05 7.67 16.08
CA LYS A 270 18.05 8.89 15.26
C LYS A 270 18.17 8.56 13.78
N GLU A 271 18.97 7.54 13.44
CA GLU A 271 19.16 7.18 12.05
C GLU A 271 17.85 6.76 11.39
N SER A 272 17.00 6.02 12.12
CA SER A 272 15.69 5.68 11.57
C SER A 272 14.82 6.93 11.44
N MET A 273 14.87 7.81 12.43
CA MET A 273 13.99 8.97 12.40
C MET A 273 14.39 10.00 11.35
N LEU A 274 15.65 10.02 10.91
N LEU A 274 15.64 10.02 10.89
CA LEU A 274 16.11 10.93 9.88
CA LEU A 274 16.02 10.99 9.89
C LEU A 274 15.70 10.51 8.48
C LEU A 274 15.88 10.46 8.46
N THR A 275 15.36 9.24 8.30
CA THR A 275 15.16 8.67 6.98
C THR A 275 14.13 9.45 6.18
N LEU A 276 14.44 9.72 4.91
CA LEU A 276 13.45 10.29 3.99
C LEU A 276 13.76 9.74 2.62
N GLY A 277 12.84 8.96 2.06
CA GLY A 277 13.01 8.52 0.69
C GLY A 277 13.94 7.34 0.56
N LYS A 278 14.17 6.95 -0.69
CA LYS A 278 14.74 5.63 -1.00
C LYS A 278 16.24 5.65 -1.25
N GLU A 279 16.88 6.81 -1.30
CA GLU A 279 18.29 6.88 -1.64
C GLU A 279 19.17 6.85 -0.39
N SER A 280 20.40 6.39 -0.58
CA SER A 280 21.31 6.10 0.52
C SER A 280 21.67 7.33 1.34
N SER A 286 25.97 12.29 11.28
CA SER A 286 24.89 13.15 10.83
C SER A 286 24.79 14.44 11.64
N SER A 287 24.57 15.55 10.92
CA SER A 287 24.45 16.87 11.50
C SER A 287 23.02 17.23 11.86
N VAL A 288 22.07 16.31 11.67
CA VAL A 288 20.66 16.65 11.91
C VAL A 288 20.46 16.94 13.39
N PRO A 289 19.89 18.09 13.74
CA PRO A 289 19.68 18.41 15.16
C PRO A 289 18.61 17.53 15.78
N LEU A 290 18.81 17.17 17.04
CA LEU A 290 17.86 16.33 17.78
C LEU A 290 17.39 17.09 19.01
N TYR A 291 16.09 17.43 19.03
N TYR A 291 16.09 17.34 19.10
CA TYR A 291 15.41 18.03 20.17
CA TYR A 291 15.52 18.08 20.22
C TYR A 291 14.66 16.96 20.92
C TYR A 291 14.54 17.19 20.97
N LEU A 292 14.86 16.89 22.23
CA LEU A 292 14.05 16.02 23.08
C LEU A 292 13.30 16.90 24.07
N ILE A 293 11.99 16.70 24.16
CA ILE A 293 11.13 17.51 25.03
C ILE A 293 10.68 16.65 26.21
N TYR A 294 11.05 17.06 27.42
CA TYR A 294 10.72 16.30 28.61
C TYR A 294 10.63 17.27 29.78
N PRO A 295 9.59 17.19 30.63
CA PRO A 295 9.39 18.22 31.67
C PRO A 295 10.57 18.37 32.62
N SER A 296 10.93 19.62 32.88
CA SER A 296 11.86 19.96 33.94
C SER A 296 11.18 19.85 35.30
N VAL A 297 11.99 19.89 36.36
CA VAL A 297 11.43 19.95 37.71
C VAL A 297 10.52 21.17 37.87
N GLU A 298 10.95 22.31 37.35
N GLU A 298 10.94 22.32 37.35
CA GLU A 298 10.13 23.51 37.44
CA GLU A 298 10.12 23.52 37.46
C GLU A 298 8.82 23.35 36.67
C GLU A 298 8.82 23.37 36.67
N ASN A 299 8.85 22.69 35.51
CA ASN A 299 7.61 22.43 34.78
C ASN A 299 6.61 21.68 35.66
N VAL A 300 7.09 20.65 36.37
CA VAL A 300 6.21 19.84 37.20
C VAL A 300 5.73 20.62 38.42
N ARG A 301 6.66 21.31 39.10
CA ARG A 301 6.30 22.04 40.31
C ARG A 301 5.19 23.05 40.07
N THR A 302 5.26 23.77 38.95
CA THR A 302 4.29 24.82 38.66
C THR A 302 3.10 24.33 37.86
N SER A 303 2.98 23.03 37.64
CA SER A 303 1.89 22.49 36.85
C SER A 303 0.57 22.52 37.62
N LEU A 304 -0.52 22.28 36.88
CA LEU A 304 -1.85 22.24 37.49
C LEU A 304 -1.93 21.22 38.62
N GLU A 305 -1.34 20.05 38.43
CA GLU A 305 -1.34 19.02 39.46
C GLU A 305 -0.29 19.24 40.54
N GLY A 306 0.75 20.00 40.23
CA GLY A 306 1.89 20.12 41.12
C GLY A 306 2.79 18.91 41.03
N TYR A 307 3.56 18.68 42.08
CA TYR A 307 4.49 17.55 42.09
C TYR A 307 3.83 16.20 41.80
N PRO A 308 2.58 15.93 42.21
CA PRO A 308 1.97 14.64 41.87
C PRO A 308 1.90 14.36 40.37
N ALA A 309 1.99 15.38 39.50
CA ALA A 309 2.10 15.11 38.07
C ALA A 309 3.30 14.22 37.77
N GLY A 310 4.34 14.32 38.60
CA GLY A 310 5.55 13.55 38.39
C GLY A 310 5.39 12.08 38.66
N GLY A 311 4.30 11.66 39.32
CA GLY A 311 4.00 10.24 39.41
C GLY A 311 3.77 9.60 38.06
N SER A 312 3.45 10.40 37.04
CA SER A 312 3.24 9.89 35.69
C SER A 312 4.38 10.27 34.75
N LEU A 313 5.52 10.63 35.31
CA LEU A 313 6.75 10.92 34.57
C LEU A 313 7.85 10.06 35.16
N PRO A 314 7.83 8.73 34.91
CA PRO A 314 8.59 7.80 35.78
C PRO A 314 10.03 7.58 35.36
N TYR A 315 10.79 8.67 35.25
CA TYR A 315 12.23 8.64 35.01
C TYR A 315 12.94 8.48 36.36
N SER A 316 13.59 7.35 36.55
CA SER A 316 14.20 7.02 37.84
C SER A 316 15.61 7.59 37.96
N ILE A 317 16.03 7.81 39.21
CA ILE A 317 17.40 8.28 39.43
C ILE A 317 18.41 7.20 39.05
N GLN A 318 18.06 5.92 39.24
CA GLN A 318 18.99 4.84 38.89
C GLN A 318 19.32 4.87 37.40
N THR A 319 18.30 5.14 36.58
CA THR A 319 18.53 5.25 35.14
C THR A 319 19.22 6.55 34.78
N ALA A 320 18.76 7.67 35.34
CA ALA A 320 19.25 8.97 34.91
C ALA A 320 20.73 9.16 35.25
N GLU A 321 21.18 8.65 36.40
CA GLU A 321 22.56 8.89 36.79
C GLU A 321 23.56 8.15 35.90
N LYS A 322 23.11 7.19 35.09
CA LYS A 322 23.99 6.48 34.18
C LYS A 322 24.10 7.16 32.81
N GLN A 323 23.37 8.25 32.58
CA GLN A 323 23.33 8.86 31.25
C GLN A 323 23.13 10.37 31.37
N ASN A 324 23.94 11.03 32.20
CA ASN A 324 23.86 12.49 32.27
C ASN A 324 24.17 13.15 30.93
N TRP A 325 24.87 12.47 30.03
CA TRP A 325 25.08 13.00 28.68
C TRP A 325 23.77 13.33 27.99
N LEU A 326 22.70 12.60 28.31
CA LEU A 326 21.43 12.74 27.62
C LEU A 326 20.78 14.09 27.89
N HIS A 327 20.99 14.65 29.07
CA HIS A 327 20.17 15.78 29.48
C HIS A 327 20.53 17.07 28.75
N SER A 328 21.68 17.13 28.07
N SER A 328 21.69 17.11 28.07
CA SER A 328 22.00 18.27 27.23
CA SER A 328 22.01 18.25 27.21
C SER A 328 21.15 18.32 25.97
C SER A 328 21.09 18.34 26.00
N TYR A 329 20.35 17.27 25.70
CA TYR A 329 19.38 17.27 24.61
C TYR A 329 18.00 17.75 25.04
N PHE A 330 17.79 18.00 26.33
CA PHE A 330 16.45 18.18 26.86
C PHE A 330 15.97 19.62 26.75
N HIS A 331 14.69 19.75 26.39
CA HIS A 331 14.00 21.01 26.23
C HIS A 331 12.74 20.98 27.08
N LYS A 332 12.36 22.16 27.59
CA LYS A 332 11.22 22.30 28.48
C LYS A 332 9.92 21.98 27.77
N TRP A 333 8.92 21.58 28.57
CA TRP A 333 7.55 21.52 28.08
C TRP A 333 6.95 22.92 28.02
N SER A 334 6.45 23.30 26.83
CA SER A 334 5.77 24.57 26.64
C SER A 334 4.66 24.35 25.63
N ALA A 335 3.45 24.82 25.94
CA ALA A 335 2.32 24.53 25.08
C ALA A 335 1.30 25.67 25.10
N GLU A 336 1.81 26.91 24.99
CA GLU A 336 0.92 28.06 24.87
C GLU A 336 -0.03 27.92 23.69
N THR A 337 0.41 27.29 22.60
CA THR A 337 -0.45 27.15 21.42
C THR A 337 -1.76 26.44 21.77
N SER A 338 -1.76 25.55 22.75
CA SER A 338 -2.96 24.81 23.14
C SER A 338 -3.38 25.12 24.57
N GLY A 339 -2.81 26.16 25.18
CA GLY A 339 -3.14 26.53 26.54
C GLY A 339 -2.74 25.52 27.58
N ARG A 340 -1.74 24.69 27.30
CA ARG A 340 -1.45 23.51 28.09
C ARG A 340 -0.03 23.49 28.65
N SER A 341 0.61 24.66 28.79
CA SER A 341 1.94 24.69 29.40
C SER A 341 1.95 24.11 30.80
N ASN A 342 0.85 24.22 31.56
CA ASN A 342 0.79 23.70 32.92
C ASN A 342 0.05 22.37 33.02
N ALA A 343 -0.26 21.74 31.88
CA ALA A 343 -0.87 20.41 31.84
C ALA A 343 0.22 19.45 31.42
N MET A 344 0.78 18.73 32.38
CA MET A 344 1.98 17.96 32.08
C MET A 344 1.72 16.91 31.01
N PRO A 345 2.69 16.67 30.14
CA PRO A 345 2.45 15.77 29.01
C PRO A 345 2.55 14.30 29.42
N HIS A 346 1.52 13.53 29.05
CA HIS A 346 1.62 12.09 28.99
C HIS A 346 1.47 11.60 27.56
N ILE A 347 1.14 12.49 26.63
CA ILE A 347 1.25 12.20 25.22
C ILE A 347 2.71 11.91 24.86
N LYS A 348 2.92 11.15 23.79
CA LYS A 348 4.25 10.99 23.21
C LYS A 348 4.12 11.31 21.73
N THR A 349 5.03 12.13 21.23
CA THR A 349 5.00 12.51 19.82
C THR A 349 6.41 12.59 19.27
N TYR A 350 6.52 12.36 17.96
CA TYR A 350 7.78 12.50 17.23
C TYR A 350 7.47 13.17 15.91
N MET A 351 8.35 14.05 15.44
CA MET A 351 8.05 14.73 14.19
C MET A 351 9.33 15.27 13.57
N ARG A 352 9.21 15.75 12.32
CA ARG A 352 10.34 16.21 11.52
C ARG A 352 10.07 17.62 10.98
N PRO A 353 10.30 18.66 11.78
CA PRO A 353 10.05 20.02 11.30
C PRO A 353 11.15 20.53 10.37
N SER A 354 10.78 21.56 9.62
CA SER A 354 11.71 22.27 8.78
C SER A 354 12.64 23.13 9.65
N PRO A 355 13.73 23.68 9.08
CA PRO A 355 14.68 24.42 9.92
C PRO A 355 14.08 25.59 10.66
N ASP A 356 13.05 26.25 10.12
CA ASP A 356 12.39 27.34 10.82
C ASP A 356 11.09 26.90 11.51
N PHE A 357 10.86 25.59 11.62
CA PHE A 357 9.72 25.01 12.34
C PHE A 357 8.37 25.45 11.78
N SER A 358 8.33 25.90 10.53
CA SER A 358 7.08 26.35 9.91
C SER A 358 6.32 25.23 9.22
N LYS A 359 7.01 24.13 8.91
CA LYS A 359 6.43 22.99 8.23
C LYS A 359 6.92 21.74 8.92
N ILE A 360 6.23 20.61 8.70
CA ILE A 360 6.73 19.32 9.16
C ILE A 360 6.62 18.30 8.04
N ALA A 361 7.62 17.41 7.99
CA ALA A 361 7.61 16.34 6.99
C ALA A 361 6.74 15.16 7.40
N TRP A 362 6.41 15.01 8.68
CA TRP A 362 5.57 13.94 9.21
C TRP A 362 5.38 14.17 10.70
N PHE A 363 4.39 13.49 11.27
CA PHE A 363 4.06 13.59 12.69
C PHE A 363 3.58 12.24 13.16
N LEU A 364 4.04 11.79 14.33
CA LEU A 364 3.66 10.52 14.91
C LEU A 364 3.13 10.77 16.32
N VAL A 365 1.95 10.25 16.63
CA VAL A 365 1.50 10.18 18.02
C VAL A 365 1.48 8.71 18.42
N THR A 366 1.97 8.41 19.62
CA THR A 366 2.21 7.02 19.97
C THR A 366 2.23 6.87 21.49
N SER A 367 2.21 5.62 21.92
CA SER A 367 2.47 5.30 23.31
C SER A 367 3.96 5.20 23.60
N ALA A 368 4.82 5.13 22.58
CA ALA A 368 6.23 4.79 22.79
C ALA A 368 7.00 5.95 23.39
N ASN A 369 7.59 5.72 24.56
CA ASN A 369 8.53 6.63 25.20
C ASN A 369 9.93 6.47 24.60
N LEU A 370 10.89 7.25 25.12
CA LEU A 370 12.26 7.22 24.60
C LEU A 370 12.99 6.05 25.28
N SER A 371 12.79 4.87 24.71
CA SER A 371 13.35 3.66 25.32
C SER A 371 13.55 2.56 24.29
N LYS A 372 14.60 1.77 24.52
CA LYS A 372 14.87 0.61 23.68
C LYS A 372 13.78 -0.46 23.79
N ALA A 373 13.18 -0.60 24.96
CA ALA A 373 12.10 -1.59 25.13
C ALA A 373 10.96 -1.31 24.17
N ALA A 374 10.67 -0.03 23.94
CA ALA A 374 9.52 0.41 23.14
C ALA A 374 9.84 0.41 21.65
N TRP A 375 11.03 0.90 21.28
CA TRP A 375 11.37 1.13 19.89
C TRP A 375 12.18 0.00 19.28
N GLY A 376 12.79 -0.84 20.10
CA GLY A 376 13.63 -1.89 19.57
C GLY A 376 15.11 -1.55 19.62
N ALA A 377 15.93 -2.58 19.84
CA ALA A 377 17.38 -2.45 19.82
C ALA A 377 17.96 -3.54 18.95
N LEU A 378 18.94 -3.19 18.14
CA LEU A 378 19.55 -4.16 17.25
C LEU A 378 20.41 -5.14 18.03
N GLU A 379 20.37 -6.41 17.64
CA GLU A 379 21.13 -7.50 18.23
C GLU A 379 21.72 -8.34 17.11
N LYS A 380 22.62 -9.25 17.48
CA LYS A 380 23.18 -10.23 16.56
C LYS A 380 23.81 -9.56 15.34
N ASN A 381 24.78 -8.69 15.60
CA ASN A 381 25.55 -8.03 14.53
C ASN A 381 24.64 -7.24 13.60
N GLY A 382 23.60 -6.62 14.17
CA GLY A 382 22.68 -5.80 13.41
C GLY A 382 21.66 -6.54 12.57
N THR A 383 21.49 -7.85 12.78
CA THR A 383 20.56 -8.63 11.96
C THR A 383 19.23 -8.90 12.64
N GLN A 384 19.05 -8.51 13.90
CA GLN A 384 17.88 -8.85 14.66
C GLN A 384 17.44 -7.63 15.45
N LEU A 385 16.14 -7.30 15.39
CA LEU A 385 15.58 -6.21 16.19
C LEU A 385 14.81 -6.83 17.35
N MET A 386 15.23 -6.47 18.57
CA MET A 386 14.62 -7.03 19.78
C MET A 386 13.77 -5.95 20.43
N ILE A 387 12.50 -6.27 20.65
CA ILE A 387 11.52 -5.39 21.26
C ILE A 387 10.96 -6.09 22.49
N ARG A 388 10.83 -5.36 23.60
CA ARG A 388 10.31 -5.97 24.83
C ARG A 388 8.84 -5.73 25.07
N SER A 389 8.24 -4.68 24.49
N SER A 389 8.25 -4.70 24.46
CA SER A 389 6.95 -4.19 24.94
CA SER A 389 6.96 -4.18 24.88
C SER A 389 6.00 -3.99 23.76
C SER A 389 5.97 -4.11 23.72
N TYR A 390 4.70 -3.96 24.09
CA TYR A 390 3.65 -3.60 23.14
C TYR A 390 3.50 -2.08 23.14
N GLU A 391 3.52 -1.49 21.95
CA GLU A 391 3.31 -0.06 21.75
C GLU A 391 2.47 0.12 20.50
N LEU A 392 1.81 1.27 20.40
CA LEU A 392 1.04 1.54 19.19
C LEU A 392 0.91 3.03 18.95
N GLY A 393 1.07 3.43 17.69
CA GLY A 393 0.89 4.83 17.33
C GLY A 393 0.43 4.94 15.89
N VAL A 394 0.14 6.18 15.48
CA VAL A 394 -0.25 6.44 14.10
C VAL A 394 0.60 7.56 13.52
N LEU A 395 0.99 7.35 12.27
CA LEU A 395 1.89 8.22 11.53
C LEU A 395 1.12 9.00 10.47
N PHE A 396 1.23 10.32 10.53
CA PHE A 396 0.66 11.24 9.54
C PHE A 396 1.75 11.63 8.56
N LEU A 397 1.58 11.20 7.30
CA LEU A 397 2.52 11.52 6.23
C LEU A 397 1.85 12.41 5.21
N PRO A 398 2.52 13.49 4.77
CA PRO A 398 1.88 14.37 3.77
C PRO A 398 1.43 13.64 2.52
N SER A 399 2.19 12.65 2.04
CA SER A 399 1.80 11.95 0.82
C SER A 399 0.45 11.27 0.98
N ALA A 400 0.08 10.90 2.21
CA ALA A 400 -1.20 10.25 2.38
C ALA A 400 -2.36 11.22 2.30
N PHE A 401 -2.06 12.52 2.23
CA PHE A 401 -3.08 13.56 2.10
C PHE A 401 -2.90 14.34 0.81
N GLY A 402 -2.08 13.85 -0.11
CA GLY A 402 -1.84 14.55 -1.36
C GLY A 402 -0.97 15.77 -1.23
N LEU A 403 -0.08 15.80 -0.24
CA LEU A 403 0.72 16.97 0.08
C LEU A 403 2.20 16.61 0.12
N ASP A 404 3.04 17.64 0.01
CA ASP A 404 4.48 17.46 0.13
C ASP A 404 4.98 17.68 1.55
N SER A 405 4.30 18.55 2.31
CA SER A 405 4.60 18.80 3.71
C SER A 405 3.32 19.31 4.36
N PHE A 406 3.32 19.33 5.70
CA PHE A 406 2.26 19.95 6.46
C PHE A 406 2.72 21.30 6.98
N LYS A 407 1.86 22.31 6.84
N LYS A 407 1.86 22.30 6.86
CA LYS A 407 2.09 23.56 7.55
CA LYS A 407 2.07 23.56 7.55
C LYS A 407 1.78 23.34 9.03
C LYS A 407 1.75 23.38 9.02
N VAL A 408 2.53 23.99 9.89
CA VAL A 408 2.27 23.90 11.32
C VAL A 408 1.16 24.88 11.66
N LYS A 409 0.12 24.40 12.35
CA LYS A 409 -0.96 25.26 12.79
C LYS A 409 -0.47 26.21 13.87
N GLN A 410 -0.80 27.50 13.73
CA GLN A 410 -0.21 28.50 14.60
C GLN A 410 -0.81 28.46 16.01
N LYS A 411 -2.12 28.34 16.10
CA LYS A 411 -2.80 28.11 17.37
C LYS A 411 -3.60 26.82 17.25
N PHE A 412 -3.42 25.92 18.22
CA PHE A 412 -3.91 24.55 18.09
C PHE A 412 -5.42 24.50 17.87
N PHE A 413 -6.17 25.35 18.57
CA PHE A 413 -7.62 25.34 18.51
C PHE A 413 -8.20 26.45 17.64
N ALA A 414 -7.39 27.03 16.75
CA ALA A 414 -7.83 28.16 15.95
C ALA A 414 -8.34 27.65 14.60
N GLY A 415 -8.48 28.55 13.61
CA GLY A 415 -8.95 28.17 12.29
C GLY A 415 -7.82 28.01 11.29
N PRO A 419 -6.03 27.24 5.92
CA PRO A 419 -6.73 26.04 5.47
C PRO A 419 -6.79 24.95 6.54
N MET A 420 -7.48 23.86 6.24
CA MET A 420 -7.49 22.70 7.12
C MET A 420 -6.29 21.79 6.93
N ALA A 421 -5.49 22.03 5.88
CA ALA A 421 -4.26 21.28 5.59
C ALA A 421 -3.07 21.69 6.46
N THR A 422 -3.32 22.29 7.61
CA THR A 422 -2.27 22.64 8.56
C THR A 422 -2.37 21.70 9.75
N PHE A 423 -1.22 21.19 10.18
CA PHE A 423 -1.32 20.12 11.17
C PHE A 423 -1.32 20.71 12.59
N PRO A 424 -2.20 20.22 13.47
CA PRO A 424 -2.27 20.78 14.83
C PRO A 424 -1.23 20.23 15.78
N VAL A 425 -0.04 20.82 15.73
CA VAL A 425 1.02 20.47 16.68
C VAL A 425 0.64 21.01 18.06
N PRO A 426 0.62 20.18 19.11
CA PRO A 426 0.00 20.60 20.37
C PRO A 426 0.91 21.37 21.31
N TYR A 427 2.20 21.51 21.00
CA TYR A 427 3.11 22.26 21.86
C TYR A 427 3.90 23.25 21.01
N ASP A 428 4.64 24.11 21.70
CA ASP A 428 5.25 25.27 21.06
C ASP A 428 6.54 24.90 20.33
N LEU A 429 6.78 25.59 19.21
CA LEU A 429 8.01 25.49 18.45
C LEU A 429 8.61 26.88 18.28
N PRO A 430 9.94 27.01 18.28
CA PRO A 430 10.93 25.95 18.54
C PRO A 430 10.93 25.57 20.02
N PRO A 431 11.34 24.36 20.34
CA PRO A 431 11.45 23.97 21.76
C PRO A 431 12.56 24.76 22.43
N GLU A 432 12.37 25.01 23.72
CA GLU A 432 13.27 25.86 24.50
C GLU A 432 14.19 24.97 25.32
N LEU A 433 15.50 25.15 25.15
CA LEU A 433 16.48 24.35 25.89
C LEU A 433 16.35 24.62 27.40
N TYR A 434 16.56 23.57 28.21
CA TYR A 434 16.70 23.76 29.65
C TYR A 434 17.69 24.89 29.94
N GLY A 435 17.39 25.67 30.96
CA GLY A 435 18.38 26.61 31.47
C GLY A 435 19.39 25.91 32.35
N SER A 436 20.44 26.65 32.72
CA SER A 436 21.55 26.06 33.47
C SER A 436 21.10 25.54 34.83
N LYS A 437 20.05 26.11 35.41
CA LYS A 437 19.55 25.64 36.70
C LYS A 437 18.44 24.61 36.57
N ASP A 438 17.99 24.29 35.37
CA ASP A 438 16.93 23.31 35.20
C ASP A 438 17.50 21.90 35.31
N ARG A 439 16.65 20.97 35.75
CA ARG A 439 16.97 19.56 35.83
C ARG A 439 15.80 18.76 35.28
N PRO A 440 16.05 17.59 34.69
CA PRO A 440 14.91 16.77 34.26
C PRO A 440 14.13 16.28 35.48
N TRP A 441 12.82 16.19 35.32
CA TRP A 441 12.02 15.57 36.38
C TRP A 441 12.47 14.13 36.60
N ILE A 442 12.84 13.82 37.84
CA ILE A 442 13.21 12.47 38.27
C ILE A 442 12.28 12.15 39.42
N TRP A 443 11.52 11.06 39.28
N TRP A 443 11.50 11.07 39.27
CA TRP A 443 10.33 10.88 40.11
CA TRP A 443 10.33 10.88 40.13
C TRP A 443 10.60 10.25 41.47
C TRP A 443 10.71 10.46 41.54
N ASN A 444 11.80 9.70 41.72
CA ASN A 444 12.05 9.03 43.00
C ASN A 444 13.19 9.67 43.79
N ILE A 445 13.33 10.99 43.69
CA ILE A 445 14.15 11.77 44.62
C ILE A 445 13.28 12.90 45.16
N PRO A 446 13.60 13.43 46.34
CA PRO A 446 12.74 14.47 46.92
C PRO A 446 13.03 15.85 46.37
N TYR A 447 11.99 16.69 46.38
CA TYR A 447 12.11 18.11 46.04
C TYR A 447 11.49 18.92 47.18
N VAL A 448 12.34 19.59 47.96
CA VAL A 448 11.88 20.21 49.20
C VAL A 448 12.32 21.66 49.28
N LYS A 449 12.76 22.25 48.16
CA LYS A 449 13.22 23.62 48.16
C LYS A 449 12.11 24.63 47.89
N ALA A 450 11.12 24.28 47.07
CA ALA A 450 10.04 25.19 46.73
C ALA A 450 8.74 24.42 46.60
N PRO A 451 7.64 24.92 47.15
CA PRO A 451 6.37 24.18 47.12
C PRO A 451 5.68 24.28 45.76
N ASP A 452 4.80 23.32 45.51
CA ASP A 452 4.09 23.25 44.24
C ASP A 452 2.82 24.11 44.32
N THR A 453 2.00 24.03 43.27
CA THR A 453 0.80 24.86 43.17
C THR A 453 -0.24 24.52 44.23
N HIS A 454 -0.07 23.42 44.97
CA HIS A 454 -1.00 23.05 46.04
C HIS A 454 -0.39 23.27 47.40
N GLY A 455 0.82 23.82 47.46
CA GLY A 455 1.48 24.11 48.72
C GLY A 455 2.37 23.02 49.26
N ASN A 456 2.67 22.00 48.48
CA ASN A 456 3.32 20.80 48.99
C ASN A 456 4.72 20.61 48.41
N MET A 457 5.52 19.81 49.11
CA MET A 457 6.79 19.31 48.62
C MET A 457 6.61 17.91 48.05
N TRP A 458 7.71 17.33 47.57
CA TRP A 458 7.72 15.98 47.02
C TRP A 458 8.72 15.16 47.80
N VAL A 459 8.23 14.16 48.54
CA VAL A 459 9.07 13.27 49.33
C VAL A 459 8.68 11.83 49.03
N PRO A 460 9.33 11.17 48.07
CA PRO A 460 8.97 9.81 47.62
C PRO A 460 9.07 8.77 48.74
N ASN B 15 -19.79 -8.33 -12.21
CA ASN B 15 -18.47 -8.78 -11.77
C ASN B 15 -17.72 -7.69 -11.03
N PRO B 16 -16.69 -8.05 -10.29
CA PRO B 16 -15.79 -7.04 -9.75
C PRO B 16 -14.55 -6.83 -10.61
N PHE B 17 -14.30 -7.76 -11.54
CA PHE B 17 -12.98 -7.79 -12.16
C PHE B 17 -12.86 -6.87 -13.35
N GLN B 18 -13.94 -6.57 -14.07
CA GLN B 18 -13.91 -5.66 -15.21
C GLN B 18 -12.85 -6.08 -16.23
N PHE B 19 -12.79 -7.39 -16.48
CA PHE B 19 -11.92 -7.97 -17.48
C PHE B 19 -12.80 -8.43 -18.63
N TYR B 20 -12.53 -7.94 -19.84
CA TYR B 20 -13.38 -8.17 -21.00
C TYR B 20 -12.54 -8.73 -22.14
N LEU B 21 -13.20 -9.45 -23.03
CA LEU B 21 -12.64 -9.77 -24.34
C LEU B 21 -13.20 -8.83 -25.40
N THR B 22 -12.45 -8.68 -26.49
CA THR B 22 -12.97 -7.91 -27.62
C THR B 22 -14.00 -8.75 -28.39
N ARG B 23 -14.85 -8.05 -29.11
CA ARG B 23 -15.83 -8.70 -29.97
C ARG B 23 -15.15 -9.47 -31.11
N VAL B 24 -15.66 -10.66 -31.42
CA VAL B 24 -15.14 -11.48 -32.52
C VAL B 24 -16.23 -11.62 -33.57
N SER B 25 -15.93 -11.19 -34.80
CA SER B 25 -16.87 -11.38 -35.89
C SER B 25 -16.88 -12.83 -36.34
N GLY B 26 -18.07 -13.39 -36.51
CA GLY B 26 -18.19 -14.71 -37.07
C GLY B 26 -18.38 -15.83 -36.07
N VAL B 27 -18.60 -15.50 -34.80
CA VAL B 27 -19.03 -16.48 -33.81
C VAL B 27 -20.46 -16.14 -33.41
N LYS B 28 -21.11 -17.10 -32.76
CA LYS B 28 -22.50 -16.91 -32.35
C LYS B 28 -22.62 -15.77 -31.36
N PRO B 29 -23.74 -15.03 -31.40
CA PRO B 29 -23.88 -13.84 -30.54
C PRO B 29 -23.67 -14.11 -29.07
N LYS B 30 -23.96 -15.33 -28.59
CA LYS B 30 -23.79 -15.63 -27.18
C LYS B 30 -22.34 -15.45 -26.74
N TYR B 31 -21.39 -15.60 -27.66
CA TYR B 31 -19.97 -15.44 -27.34
C TYR B 31 -19.48 -14.00 -27.46
N ASN B 32 -20.36 -13.06 -27.81
CA ASN B 32 -20.03 -11.64 -27.78
C ASN B 32 -20.88 -10.88 -26.78
N SER B 33 -21.75 -11.58 -26.03
CA SER B 33 -22.68 -10.94 -25.11
C SER B 33 -21.95 -10.01 -24.14
N GLY B 34 -20.92 -10.53 -23.46
CA GLY B 34 -20.18 -9.69 -22.54
C GLY B 34 -18.91 -9.08 -23.11
N ALA B 35 -18.77 -9.05 -24.44
CA ALA B 35 -17.57 -8.56 -25.10
C ALA B 35 -17.69 -7.08 -25.44
N LEU B 36 -16.55 -6.45 -25.70
CA LEU B 36 -16.48 -5.02 -25.98
C LEU B 36 -15.77 -4.74 -27.29
N HIS B 37 -16.41 -3.94 -28.14
CA HIS B 37 -15.74 -3.36 -29.30
C HIS B 37 -15.18 -2.00 -28.93
N ILE B 38 -14.23 -1.51 -29.73
CA ILE B 38 -13.65 -0.21 -29.42
C ILE B 38 -14.72 0.87 -29.44
N LYS B 39 -15.71 0.74 -30.34
CA LYS B 39 -16.81 1.71 -30.36
C LYS B 39 -17.61 1.70 -29.07
N ASP B 40 -17.68 0.55 -28.38
CA ASP B 40 -18.36 0.51 -27.09
C ASP B 40 -17.57 1.29 -26.04
N ILE B 41 -16.24 1.16 -26.07
CA ILE B 41 -15.40 1.80 -25.06
C ILE B 41 -15.50 3.32 -25.17
N LEU B 42 -15.53 3.83 -26.39
CA LEU B 42 -15.53 5.27 -26.65
C LEU B 42 -16.93 5.87 -26.70
N SER B 43 -17.96 5.05 -26.50
CA SER B 43 -19.33 5.51 -26.61
C SER B 43 -19.66 6.56 -25.54
N PRO B 44 -20.63 7.44 -25.80
N PRO B 44 -20.63 7.45 -25.81
CA PRO B 44 -21.01 8.44 -24.79
CA PRO B 44 -21.00 8.43 -24.79
C PRO B 44 -21.60 7.83 -23.53
C PRO B 44 -21.59 7.82 -23.53
N LEU B 45 -22.03 6.56 -23.58
CA LEU B 45 -22.50 5.88 -22.38
C LEU B 45 -21.37 5.70 -21.37
N PHE B 46 -20.12 5.71 -21.81
CA PHE B 46 -18.99 5.59 -20.89
C PHE B 46 -18.56 6.92 -20.30
N GLY B 47 -18.96 8.03 -20.90
CA GLY B 47 -18.60 9.35 -20.41
C GLY B 47 -18.60 10.36 -21.53
N THR B 48 -18.71 11.64 -21.15
CA THR B 48 -18.70 12.75 -22.10
C THR B 48 -17.26 13.18 -22.33
N LEU B 49 -16.69 12.72 -23.42
CA LEU B 49 -15.25 12.83 -23.63
C LEU B 49 -14.82 14.28 -23.85
N VAL B 50 -13.70 14.63 -23.21
CA VAL B 50 -13.07 15.94 -23.37
C VAL B 50 -11.73 15.81 -24.08
N SER B 51 -10.98 14.76 -23.80
N SER B 51 -10.99 14.74 -23.81
CA SER B 51 -9.71 14.50 -24.46
CA SER B 51 -9.64 14.54 -24.33
C SER B 51 -9.32 13.07 -24.17
C SER B 51 -9.28 13.08 -24.12
N SER B 52 -8.36 12.58 -24.94
CA SER B 52 -7.92 11.19 -24.76
C SER B 52 -6.46 11.03 -25.18
N ALA B 53 -5.83 9.98 -24.66
CA ALA B 53 -4.50 9.57 -25.02
C ALA B 53 -4.55 8.10 -25.42
N GLN B 54 -3.94 7.78 -26.55
CA GLN B 54 -3.90 6.41 -27.05
C GLN B 54 -2.44 5.97 -27.09
N PHE B 55 -2.07 5.11 -26.14
CA PHE B 55 -0.74 4.48 -26.15
C PHE B 55 -0.85 3.22 -26.98
N ASN B 56 0.04 3.05 -27.95
CA ASN B 56 -0.01 1.80 -28.71
C ASN B 56 1.26 1.59 -29.51
N TYR B 57 1.29 0.49 -30.26
CA TYR B 57 2.40 0.15 -31.13
C TYR B 57 2.14 0.56 -32.57
N CYS B 58 1.02 0.16 -33.15
N CYS B 58 0.98 0.15 -33.12
CA CYS B 58 0.72 0.61 -34.49
CA CYS B 58 0.58 0.38 -34.50
C CYS B 58 -0.72 1.10 -34.57
C CYS B 58 -0.77 1.11 -34.53
N PHE B 59 -0.91 2.06 -35.46
CA PHE B 59 -2.12 2.87 -35.56
C PHE B 59 -2.59 2.92 -37.00
N ASP B 60 -3.90 2.86 -37.19
CA ASP B 60 -4.53 3.29 -38.45
C ASP B 60 -5.38 4.50 -38.06
N VAL B 61 -4.88 5.71 -38.34
CA VAL B 61 -5.50 6.91 -37.79
C VAL B 61 -6.88 7.16 -38.39
N ASP B 62 -7.03 6.96 -39.71
CA ASP B 62 -8.34 7.08 -40.32
C ASP B 62 -9.35 6.16 -39.63
N TRP B 63 -8.98 4.91 -39.44
CA TRP B 63 -9.85 3.96 -38.74
C TRP B 63 -10.11 4.41 -37.31
N LEU B 64 -9.04 4.81 -36.62
CA LEU B 64 -9.16 5.15 -35.20
C LEU B 64 -10.16 6.29 -34.98
N VAL B 65 -10.06 7.36 -35.78
CA VAL B 65 -10.96 8.49 -35.59
C VAL B 65 -12.40 8.07 -35.81
N LYS B 66 -12.65 7.17 -36.77
CA LYS B 66 -14.01 6.70 -37.01
C LYS B 66 -14.57 5.87 -35.87
N GLN B 67 -13.71 5.36 -34.97
CA GLN B 67 -14.21 4.61 -33.82
C GLN B 67 -14.72 5.52 -32.70
N TYR B 68 -14.31 6.79 -32.69
CA TYR B 68 -14.89 7.74 -31.76
C TYR B 68 -16.28 8.14 -32.26
N PRO B 69 -17.23 8.37 -31.36
CA PRO B 69 -18.53 8.89 -31.77
C PRO B 69 -18.36 10.21 -32.49
N PRO B 70 -19.25 10.53 -33.44
CA PRO B 70 -19.10 11.77 -34.20
C PRO B 70 -18.97 13.01 -33.33
N GLU B 71 -19.73 13.09 -32.24
CA GLU B 71 -19.69 14.27 -31.38
C GLU B 71 -18.35 14.43 -30.66
N PHE B 72 -17.54 13.36 -30.58
CA PHE B 72 -16.25 13.41 -29.89
C PHE B 72 -15.07 13.43 -30.85
N ARG B 73 -15.30 13.37 -32.16
CA ARG B 73 -14.21 13.16 -33.10
C ARG B 73 -13.25 14.33 -33.21
N LYS B 74 -13.63 15.51 -32.72
CA LYS B 74 -12.74 16.66 -32.79
C LYS B 74 -12.03 16.96 -31.48
N LYS B 75 -12.37 16.25 -30.40
CA LYS B 75 -11.68 16.43 -29.13
C LYS B 75 -10.21 16.03 -29.28
N PRO B 76 -9.31 16.63 -28.50
CA PRO B 76 -7.88 16.34 -28.69
C PRO B 76 -7.57 14.87 -28.42
N ILE B 77 -6.68 14.32 -29.24
CA ILE B 77 -6.18 12.96 -29.10
C ILE B 77 -4.65 13.02 -29.13
N LEU B 78 -4.01 12.38 -28.14
CA LEU B 78 -2.56 12.20 -28.12
C LEU B 78 -2.26 10.76 -28.49
N LEU B 79 -1.45 10.56 -29.53
CA LEU B 79 -0.97 9.24 -29.88
C LEU B 79 0.43 9.04 -29.32
N VAL B 80 0.59 8.09 -28.40
CA VAL B 80 1.90 7.80 -27.82
C VAL B 80 2.44 6.55 -28.51
N HIS B 81 3.57 6.71 -29.20
CA HIS B 81 4.11 5.69 -30.08
C HIS B 81 5.62 5.60 -29.91
N GLY B 82 6.23 4.61 -30.56
CA GLY B 82 7.67 4.43 -30.50
C GLY B 82 8.41 4.54 -31.82
N ASP B 83 7.73 5.04 -32.85
CA ASP B 83 8.27 5.01 -34.21
C ASP B 83 9.43 6.01 -34.38
N LYS B 84 10.35 5.64 -35.27
CA LYS B 84 11.51 6.47 -35.60
C LYS B 84 11.62 6.60 -37.11
N ARG B 85 12.37 7.62 -37.54
CA ARG B 85 12.86 7.74 -38.92
C ARG B 85 11.69 7.66 -39.91
N GLU B 86 11.72 6.75 -40.89
CA GLU B 86 10.68 6.70 -41.90
C GLU B 86 9.32 6.33 -41.29
N ALA B 87 9.33 5.37 -40.36
CA ALA B 87 8.08 4.97 -39.70
C ALA B 87 7.45 6.14 -38.97
N LYS B 88 8.26 6.96 -38.31
CA LYS B 88 7.73 8.13 -37.62
C LYS B 88 7.12 9.12 -38.61
N ALA B 89 7.76 9.33 -39.76
CA ALA B 89 7.21 10.24 -40.76
C ALA B 89 5.88 9.74 -41.29
N HIS B 90 5.74 8.42 -41.47
CA HIS B 90 4.48 7.89 -41.99
C HIS B 90 3.34 8.12 -40.99
N LEU B 91 3.61 7.97 -39.68
CA LEU B 91 2.57 8.20 -38.70
C LEU B 91 2.14 9.66 -38.68
N HIS B 92 3.11 10.58 -38.74
CA HIS B 92 2.78 11.99 -38.82
C HIS B 92 1.94 12.31 -40.06
N ALA B 93 2.26 11.67 -41.18
CA ALA B 93 1.46 11.86 -42.39
C ALA B 93 0.04 11.35 -42.21
N GLN B 94 -0.13 10.21 -41.51
CA GLN B 94 -1.46 9.72 -41.21
C GLN B 94 -2.26 10.73 -40.40
N ALA B 95 -1.61 11.38 -39.44
CA ALA B 95 -2.29 12.24 -38.49
C ALA B 95 -2.53 13.65 -39.01
N LYS B 96 -1.79 14.09 -40.01
CA LYS B 96 -1.86 15.48 -40.46
C LYS B 96 -3.26 15.96 -40.81
N PRO B 97 -4.14 15.19 -41.46
CA PRO B 97 -5.48 15.70 -41.77
C PRO B 97 -6.33 16.04 -40.56
N TYR B 98 -5.95 15.59 -39.36
CA TYR B 98 -6.77 15.78 -38.16
C TYR B 98 -6.00 16.74 -37.25
N GLU B 99 -6.46 18.01 -37.21
CA GLU B 99 -5.74 19.04 -36.48
C GLU B 99 -5.79 18.82 -34.97
N ASN B 100 -6.71 17.99 -34.48
CA ASN B 100 -6.85 17.71 -33.06
C ASN B 100 -5.91 16.61 -32.57
N ILE B 101 -5.13 15.99 -33.46
CA ILE B 101 -4.31 14.85 -33.09
C ILE B 101 -2.87 15.32 -32.90
N SER B 102 -2.35 15.09 -31.69
CA SER B 102 -0.95 15.31 -31.36
C SER B 102 -0.26 13.97 -31.18
N LEU B 103 1.06 14.00 -31.25
CA LEU B 103 1.85 12.78 -31.19
C LEU B 103 2.97 12.94 -30.16
N CYS B 104 3.32 11.81 -29.54
CA CYS B 104 4.38 11.73 -28.53
C CYS B 104 5.25 10.53 -28.86
N GLN B 105 6.51 10.77 -29.19
CA GLN B 105 7.45 9.69 -29.51
C GLN B 105 8.16 9.26 -28.24
N ALA B 106 7.78 8.08 -27.75
CA ALA B 106 8.43 7.47 -26.60
C ALA B 106 9.88 7.18 -26.90
N LYS B 107 10.77 7.67 -26.03
CA LYS B 107 12.20 7.43 -26.23
C LYS B 107 12.51 5.95 -26.08
N LEU B 108 13.28 5.43 -27.04
CA LEU B 108 13.72 4.03 -27.06
C LEU B 108 15.23 4.04 -27.26
N ASP B 109 15.95 4.37 -26.19
CA ASP B 109 17.39 4.57 -26.27
C ASP B 109 18.19 3.30 -26.01
N ILE B 110 17.52 2.17 -25.78
CA ILE B 110 18.17 0.87 -25.79
C ILE B 110 17.80 0.19 -27.09
N ALA B 111 18.79 -0.41 -27.74
CA ALA B 111 18.57 -0.97 -29.07
C ALA B 111 17.56 -2.11 -29.00
N PHE B 112 16.81 -2.27 -30.10
CA PHE B 112 15.83 -3.35 -30.28
C PHE B 112 14.66 -3.23 -29.31
N GLY B 113 14.36 -2.03 -28.84
CA GLY B 113 13.21 -1.82 -27.99
C GLY B 113 11.96 -1.47 -28.78
N THR B 114 10.81 -1.66 -28.14
CA THR B 114 9.52 -1.37 -28.75
C THR B 114 8.64 -0.64 -27.75
N HIS B 115 7.79 0.24 -28.26
CA HIS B 115 6.72 0.80 -27.42
C HIS B 115 5.50 -0.09 -27.59
N HIS B 116 5.33 -1.04 -26.67
CA HIS B 116 4.33 -2.09 -26.81
C HIS B 116 3.07 -1.84 -26.01
N THR B 117 3.15 -0.99 -24.99
CA THR B 117 2.03 -0.66 -24.12
C THR B 117 0.79 -0.24 -24.90
N LYS B 118 -0.35 -0.81 -24.53
CA LYS B 118 -1.65 -0.49 -25.10
C LYS B 118 -2.55 0.03 -24.00
N MET B 119 -2.83 1.33 -24.03
CA MET B 119 -3.57 1.94 -22.96
C MET B 119 -4.33 3.13 -23.51
N MET B 120 -5.54 3.34 -23.00
CA MET B 120 -6.31 4.54 -23.27
C MET B 120 -6.45 5.33 -21.97
N LEU B 121 -6.21 6.63 -22.04
CA LEU B 121 -6.59 7.55 -20.98
C LEU B 121 -7.73 8.39 -21.51
N LEU B 122 -8.86 8.33 -20.84
CA LEU B 122 -10.09 8.95 -21.32
C LEU B 122 -10.56 9.98 -20.29
N LEU B 123 -10.43 11.26 -20.61
CA LEU B 123 -10.87 12.32 -19.72
C LEU B 123 -12.26 12.78 -20.11
N TYR B 124 -13.20 12.71 -19.16
CA TYR B 124 -14.59 13.10 -19.35
C TYR B 124 -14.91 14.34 -18.52
N GLU B 125 -16.08 14.91 -18.81
CA GLU B 125 -16.65 15.92 -17.93
C GLU B 125 -16.96 15.33 -16.56
N GLU B 126 -17.26 14.04 -16.51
CA GLU B 126 -17.69 13.39 -15.28
C GLU B 126 -16.55 12.74 -14.50
N GLY B 127 -15.35 12.67 -15.07
CA GLY B 127 -14.26 11.99 -14.39
C GLY B 127 -13.22 11.51 -15.39
N LEU B 128 -12.49 10.46 -14.98
CA LEU B 128 -11.38 9.92 -15.75
C LEU B 128 -11.51 8.41 -15.82
N ARG B 129 -11.17 7.83 -16.97
CA ARG B 129 -11.11 6.37 -17.08
C ARG B 129 -9.78 5.95 -17.68
N VAL B 130 -9.29 4.79 -17.21
CA VAL B 130 -8.06 4.19 -17.71
C VAL B 130 -8.44 2.82 -18.28
N VAL B 131 -8.00 2.55 -19.51
CA VAL B 131 -8.22 1.27 -20.17
C VAL B 131 -6.86 0.68 -20.51
N ILE B 132 -6.57 -0.52 -20.02
CA ILE B 132 -5.32 -1.20 -20.33
C ILE B 132 -5.68 -2.48 -21.07
N HIS B 133 -5.13 -2.65 -22.26
CA HIS B 133 -5.68 -3.68 -23.13
C HIS B 133 -4.55 -4.24 -23.99
N THR B 134 -4.90 -5.08 -24.99
CA THR B 134 -3.88 -5.78 -25.74
C THR B 134 -3.91 -5.53 -27.25
N SER B 135 -4.81 -4.67 -27.75
CA SER B 135 -5.05 -4.56 -29.20
C SER B 135 -4.34 -3.37 -29.81
N ASN B 136 -3.76 -3.57 -31.00
CA ASN B 136 -3.33 -2.42 -31.79
C ASN B 136 -4.54 -1.66 -32.30
N LEU B 137 -4.31 -0.42 -32.73
CA LEU B 137 -5.42 0.44 -33.16
C LEU B 137 -5.57 0.35 -34.68
N ILE B 138 -5.85 -0.87 -35.12
CA ILE B 138 -6.10 -1.20 -36.52
C ILE B 138 -7.28 -2.15 -36.57
N HIS B 139 -8.00 -2.12 -37.69
CA HIS B 139 -9.22 -2.92 -37.82
C HIS B 139 -8.97 -4.39 -37.50
N ALA B 140 -7.85 -4.94 -38.00
CA ALA B 140 -7.65 -6.38 -37.91
C ALA B 140 -7.51 -6.86 -36.47
N ASP B 141 -6.97 -6.01 -35.60
CA ASP B 141 -6.77 -6.45 -34.23
C ASP B 141 -8.06 -6.55 -33.43
N TRP B 142 -9.15 -5.95 -33.90
CA TRP B 142 -10.42 -6.00 -33.19
C TRP B 142 -11.47 -6.82 -33.95
N HIS B 143 -11.05 -7.55 -34.97
CA HIS B 143 -11.98 -8.24 -35.86
C HIS B 143 -12.22 -9.68 -35.44
N GLN B 144 -11.22 -10.55 -35.57
CA GLN B 144 -11.39 -11.97 -35.30
C GLN B 144 -10.27 -12.53 -34.42
N LYS B 145 -9.77 -11.71 -33.48
CA LYS B 145 -8.72 -12.15 -32.56
C LYS B 145 -9.29 -12.21 -31.16
N THR B 146 -8.62 -13.01 -30.32
CA THR B 146 -8.85 -12.98 -28.87
C THR B 146 -7.93 -11.92 -28.27
N GLN B 147 -8.53 -10.90 -27.70
CA GLN B 147 -7.82 -9.77 -27.08
C GLN B 147 -8.46 -9.50 -25.73
N GLY B 148 -7.70 -8.89 -24.84
CA GLY B 148 -8.16 -8.62 -23.48
C GLY B 148 -8.18 -7.13 -23.17
N ILE B 149 -9.12 -6.74 -22.28
CA ILE B 149 -9.36 -5.36 -21.89
C ILE B 149 -9.62 -5.34 -20.39
N TRP B 150 -8.94 -4.44 -19.68
CA TRP B 150 -9.31 -4.06 -18.33
C TRP B 150 -9.86 -2.64 -18.35
N LEU B 151 -11.06 -2.46 -17.80
CA LEU B 151 -11.69 -1.14 -17.70
C LEU B 151 -11.63 -0.66 -16.26
N SER B 152 -11.06 0.51 -16.05
CA SER B 152 -11.06 1.06 -14.71
C SER B 152 -12.46 1.56 -14.37
N PRO B 153 -12.73 1.81 -13.09
CA PRO B 153 -13.94 2.56 -12.73
C PRO B 153 -13.87 3.97 -13.30
N LEU B 154 -15.02 4.63 -13.31
CA LEU B 154 -15.05 6.06 -13.51
C LEU B 154 -14.47 6.74 -12.28
N TYR B 155 -13.30 7.37 -12.43
CA TYR B 155 -12.64 8.04 -11.32
C TYR B 155 -13.17 9.46 -11.20
N PRO B 156 -13.77 9.85 -10.07
CA PRO B 156 -14.24 11.24 -9.95
C PRO B 156 -13.09 12.21 -9.73
N ARG B 157 -13.35 13.47 -10.06
CA ARG B 157 -12.39 14.51 -9.81
C ARG B 157 -12.38 14.85 -8.32
N ILE B 158 -11.20 15.09 -7.78
CA ILE B 158 -11.08 15.59 -6.41
C ILE B 158 -11.43 17.08 -6.42
N ALA B 159 -12.36 17.47 -5.56
CA ALA B 159 -12.79 18.87 -5.50
C ALA B 159 -11.59 19.77 -5.23
N ASP B 160 -11.43 20.81 -6.04
CA ASP B 160 -10.34 21.75 -5.81
C ASP B 160 -10.55 22.46 -4.48
N GLY B 161 -9.44 22.67 -3.75
CA GLY B 161 -9.48 23.02 -2.36
C GLY B 161 -9.38 21.83 -1.42
N THR B 162 -9.83 20.66 -1.86
CA THR B 162 -9.69 19.44 -1.08
C THR B 162 -8.30 18.85 -1.26
N HIS B 163 -7.73 18.38 -0.15
CA HIS B 163 -6.42 17.70 -0.15
C HIS B 163 -6.63 16.25 0.25
N LYS B 164 -6.64 15.36 -0.74
CA LYS B 164 -6.73 13.92 -0.54
C LYS B 164 -5.72 13.23 -1.45
N SER B 165 -5.32 12.01 -1.09
CA SER B 165 -4.40 11.31 -1.97
C SER B 165 -5.07 10.80 -3.23
N GLY B 166 -6.33 10.39 -3.11
CA GLY B 166 -6.98 9.66 -4.19
C GLY B 166 -6.33 8.33 -4.51
N GLU B 167 -5.58 7.75 -3.57
CA GLU B 167 -4.82 6.54 -3.80
C GLU B 167 -5.62 5.30 -3.39
N SER B 168 -5.37 4.20 -4.12
N SER B 168 -5.36 4.20 -4.10
CA SER B 168 -6.00 2.91 -3.85
CA SER B 168 -5.99 2.92 -3.86
C SER B 168 -5.11 2.06 -2.94
C SER B 168 -5.11 2.04 -2.98
N PRO B 169 -5.68 1.02 -2.32
CA PRO B 169 -4.83 0.07 -1.57
C PRO B 169 -3.80 -0.62 -2.43
N THR B 170 -3.96 -0.63 -3.76
CA THR B 170 -2.97 -1.25 -4.62
C THR B 170 -1.90 -0.28 -5.11
N HIS B 171 -1.94 0.99 -4.68
CA HIS B 171 -0.99 2.02 -5.06
C HIS B 171 -1.07 2.35 -6.55
N PHE B 172 -2.21 2.07 -7.17
CA PHE B 172 -2.33 2.20 -8.61
C PHE B 172 -2.06 3.63 -9.09
N LYS B 173 -2.54 4.63 -8.34
CA LYS B 173 -2.39 6.02 -8.81
C LYS B 173 -0.94 6.42 -8.88
N ALA B 174 -0.19 6.24 -7.78
CA ALA B 174 1.23 6.54 -7.79
C ALA B 174 1.98 5.69 -8.80
N ASP B 175 1.58 4.43 -8.98
CA ASP B 175 2.31 3.57 -9.89
C ASP B 175 2.06 3.97 -11.35
N LEU B 176 0.84 4.39 -11.68
CA LEU B 176 0.57 4.87 -13.03
C LEU B 176 1.33 6.16 -13.32
N ILE B 177 1.36 7.08 -12.34
CA ILE B 177 2.13 8.29 -12.52
C ILE B 177 3.61 7.98 -12.69
N SER B 178 4.12 7.03 -11.90
N SER B 178 4.12 7.02 -11.91
CA SER B 178 5.52 6.62 -12.04
CA SER B 178 5.52 6.63 -12.05
C SER B 178 5.80 6.07 -13.44
C SER B 178 5.81 6.05 -13.43
N TYR B 179 4.89 5.24 -13.96
CA TYR B 179 5.04 4.71 -15.30
C TYR B 179 5.12 5.84 -16.32
N LEU B 180 4.22 6.82 -16.21
CA LEU B 180 4.21 7.92 -17.17
C LEU B 180 5.43 8.82 -16.99
N MET B 181 5.93 8.97 -15.76
N MET B 181 5.93 8.97 -15.76
CA MET B 181 7.08 9.84 -15.54
CA MET B 181 7.08 9.84 -15.54
C MET B 181 8.32 9.33 -16.26
C MET B 181 8.32 9.33 -16.24
N ALA B 182 8.41 8.01 -16.44
CA ALA B 182 9.57 7.42 -17.09
C ALA B 182 9.71 7.84 -18.56
N TYR B 183 8.63 8.31 -19.20
CA TYR B 183 8.73 8.80 -20.57
C TYR B 183 9.46 10.14 -20.65
N ASN B 184 9.41 10.94 -19.58
CA ASN B 184 10.04 12.27 -19.57
C ASN B 184 9.53 13.11 -20.73
N ALA B 185 8.22 13.13 -20.89
CA ALA B 185 7.56 13.71 -22.05
C ALA B 185 6.64 14.83 -21.63
N PRO B 186 6.73 16.01 -22.23
CA PRO B 186 5.84 17.11 -21.82
C PRO B 186 4.36 16.82 -22.01
N SER B 187 3.98 16.13 -23.10
CA SER B 187 2.56 15.85 -23.27
C SER B 187 2.04 14.87 -22.22
N LEU B 188 2.90 14.03 -21.68
CA LEU B 188 2.46 13.10 -20.65
C LEU B 188 2.49 13.71 -19.26
N LYS B 189 3.35 14.72 -19.03
CA LYS B 189 3.26 15.45 -17.78
C LYS B 189 1.89 16.10 -17.62
N GLU B 190 1.28 16.54 -18.73
CA GLU B 190 -0.07 17.06 -18.67
C GLU B 190 -1.07 15.99 -18.21
N TRP B 191 -0.90 14.75 -18.69
CA TRP B 191 -1.81 13.69 -18.24
C TRP B 191 -1.52 13.27 -16.81
N ILE B 192 -0.25 13.32 -16.39
CA ILE B 192 0.08 13.12 -14.97
C ILE B 192 -0.68 14.13 -14.11
N ASP B 193 -0.72 15.39 -14.53
CA ASP B 193 -1.46 16.39 -13.75
C ASP B 193 -2.95 16.09 -13.73
N VAL B 194 -3.50 15.57 -14.84
CA VAL B 194 -4.89 15.15 -14.84
C VAL B 194 -5.10 14.02 -13.83
N ILE B 195 -4.22 13.02 -13.84
CA ILE B 195 -4.37 11.91 -12.90
C ILE B 195 -4.28 12.41 -11.46
N HIS B 196 -3.35 13.33 -11.17
CA HIS B 196 -3.23 13.87 -9.82
C HIS B 196 -4.55 14.42 -9.31
N LYS B 197 -5.32 15.05 -10.18
CA LYS B 197 -6.58 15.69 -9.80
C LYS B 197 -7.74 14.71 -9.65
N HIS B 198 -7.54 13.41 -9.87
CA HIS B 198 -8.64 12.46 -9.78
C HIS B 198 -8.45 11.45 -8.64
N ASP B 199 -9.56 10.88 -8.21
CA ASP B 199 -9.63 9.95 -7.09
C ASP B 199 -9.67 8.53 -7.66
N LEU B 200 -8.55 7.82 -7.56
CA LEU B 200 -8.42 6.47 -8.10
C LEU B 200 -8.53 5.41 -7.00
N SER B 201 -9.09 5.76 -5.85
CA SER B 201 -9.03 4.91 -4.67
C SER B 201 -9.80 3.61 -4.84
N GLU B 202 -10.75 3.54 -5.79
CA GLU B 202 -11.53 2.32 -5.97
C GLU B 202 -10.79 1.24 -6.74
N THR B 203 -9.59 1.52 -7.24
CA THR B 203 -8.86 0.56 -8.07
C THR B 203 -8.41 -0.64 -7.27
N ASN B 204 -8.71 -1.84 -7.78
N ASN B 204 -8.70 -1.85 -7.76
CA ASN B 204 -8.42 -3.09 -7.09
CA ASN B 204 -8.31 -3.06 -7.03
C ASN B 204 -7.37 -3.95 -7.81
C ASN B 204 -7.42 -3.98 -7.85
N VAL B 205 -6.75 -3.45 -8.88
CA VAL B 205 -5.68 -4.16 -9.57
C VAL B 205 -4.35 -3.48 -9.29
N TYR B 206 -3.27 -4.23 -9.45
CA TYR B 206 -1.90 -3.72 -9.38
C TYR B 206 -1.36 -3.49 -10.77
N LEU B 207 -0.65 -2.37 -10.95
CA LEU B 207 -0.03 -2.08 -12.24
C LEU B 207 1.31 -2.79 -12.35
N ILE B 208 1.57 -3.44 -13.48
CA ILE B 208 2.87 -4.03 -13.73
C ILE B 208 3.37 -3.48 -15.06
N GLY B 209 4.34 -2.58 -14.98
CA GLY B 209 4.85 -1.98 -16.20
C GLY B 209 6.29 -2.33 -16.47
N SER B 210 6.71 -2.13 -17.72
CA SER B 210 8.11 -2.18 -18.11
C SER B 210 8.42 -0.87 -18.79
N THR B 211 9.63 -0.37 -18.57
N THR B 211 9.61 -0.34 -18.54
CA THR B 211 10.14 0.83 -19.22
CA THR B 211 10.12 0.82 -19.25
C THR B 211 11.61 0.59 -19.53
C THR B 211 11.59 0.57 -19.55
N PRO B 212 12.13 1.16 -20.62
CA PRO B 212 13.51 0.87 -21.01
C PRO B 212 14.50 1.42 -20.00
N GLY B 213 15.53 0.63 -19.71
CA GLY B 213 16.60 1.12 -18.87
C GLY B 213 17.40 0.00 -18.26
N ARG B 214 18.33 0.40 -17.42
N ARG B 214 18.33 0.41 -17.41
CA ARG B 214 19.18 -0.52 -16.66
CA ARG B 214 19.18 -0.51 -16.66
C ARG B 214 19.03 -0.13 -15.20
C ARG B 214 19.03 -0.13 -15.19
N PHE B 215 18.36 -0.99 -14.43
CA PHE B 215 17.93 -0.66 -13.08
C PHE B 215 18.76 -1.42 -12.06
N GLN B 216 19.24 -0.71 -11.05
CA GLN B 216 20.05 -1.29 -9.99
C GLN B 216 19.38 -1.07 -8.63
N GLY B 217 19.75 -1.91 -7.68
CA GLY B 217 19.26 -1.76 -6.33
C GLY B 217 17.76 -1.93 -6.26
N SER B 218 17.11 -1.08 -5.46
CA SER B 218 15.67 -1.16 -5.26
C SER B 218 14.90 -0.80 -6.52
N GLN B 219 15.50 -0.03 -7.43
CA GLN B 219 14.81 0.31 -8.67
C GLN B 219 14.51 -0.93 -9.51
N LYS B 220 15.22 -2.04 -9.27
CA LYS B 220 14.90 -3.28 -9.97
C LYS B 220 13.48 -3.74 -9.68
N ASP B 221 12.97 -3.46 -8.48
CA ASP B 221 11.62 -3.88 -8.13
C ASP B 221 10.53 -3.06 -8.81
N ASN B 222 10.89 -2.01 -9.57
CA ASN B 222 9.89 -1.14 -10.15
C ASN B 222 9.25 -1.73 -11.41
N TRP B 223 9.94 -2.61 -12.11
CA TRP B 223 9.54 -2.95 -13.47
C TRP B 223 9.73 -4.43 -13.77
N GLY B 224 9.05 -4.89 -14.81
CA GLY B 224 9.30 -6.21 -15.36
C GLY B 224 9.01 -7.33 -14.38
N HIS B 225 9.78 -8.42 -14.52
CA HIS B 225 9.48 -9.60 -13.72
C HIS B 225 9.86 -9.41 -12.26
N PHE B 226 10.74 -8.46 -11.94
CA PHE B 226 11.00 -8.20 -10.53
C PHE B 226 9.88 -7.40 -9.88
N ARG B 227 9.17 -6.57 -10.66
CA ARG B 227 7.96 -5.94 -10.14
C ARG B 227 6.92 -6.99 -9.79
N LEU B 228 6.70 -7.96 -10.69
CA LEU B 228 5.79 -9.05 -10.40
C LEU B 228 6.22 -9.82 -9.16
N LYS B 229 7.51 -10.16 -9.08
CA LYS B 229 8.04 -10.87 -7.91
C LYS B 229 7.75 -10.12 -6.61
N LYS B 230 8.02 -8.80 -6.59
CA LYS B 230 7.81 -8.02 -5.37
C LYS B 230 6.35 -8.03 -4.96
N LEU B 231 5.43 -7.88 -5.92
CA LEU B 231 4.01 -7.89 -5.61
C LEU B 231 3.57 -9.26 -5.07
N LEU B 232 4.09 -10.33 -5.65
CA LEU B 232 3.73 -11.67 -5.18
C LEU B 232 4.29 -11.94 -3.79
N LYS B 233 5.48 -11.42 -3.51
CA LYS B 233 6.06 -11.57 -2.18
C LYS B 233 5.25 -10.81 -1.13
N ASP B 234 4.80 -9.59 -1.47
CA ASP B 234 4.16 -8.72 -0.49
C ASP B 234 2.65 -8.93 -0.36
N HIS B 235 1.98 -9.44 -1.39
CA HIS B 235 0.53 -9.45 -1.41
C HIS B 235 -0.09 -10.79 -1.78
N ALA B 236 0.71 -11.85 -1.82
CA ALA B 236 0.18 -13.20 -1.93
C ALA B 236 0.78 -14.03 -0.81
N SER B 237 0.14 -15.16 -0.52
CA SER B 237 0.63 -16.08 0.49
C SER B 237 0.92 -17.44 -0.16
N SER B 238 1.90 -18.14 0.40
CA SER B 238 2.23 -19.47 -0.10
C SER B 238 1.36 -20.51 0.62
N MET B 239 0.83 -21.43 -0.14
CA MET B 239 -0.06 -22.48 0.34
C MET B 239 0.70 -23.79 0.45
N PRO B 240 0.13 -24.78 1.13
CA PRO B 240 0.74 -26.11 1.13
C PRO B 240 0.78 -26.69 -0.28
N ASN B 241 1.85 -27.42 -0.58
CA ASN B 241 2.05 -28.02 -1.90
C ASN B 241 2.07 -26.96 -3.00
N ALA B 242 2.61 -25.78 -2.70
CA ALA B 242 2.76 -24.74 -3.71
C ALA B 242 3.61 -25.23 -4.88
N GLU B 243 4.54 -26.15 -4.63
CA GLU B 243 5.35 -26.74 -5.68
C GLU B 243 4.50 -27.41 -6.76
N SER B 244 3.24 -27.70 -6.46
CA SER B 244 2.34 -28.38 -7.37
C SER B 244 1.46 -27.44 -8.18
N TRP B 245 1.41 -26.15 -7.81
CA TRP B 245 0.62 -25.17 -8.54
C TRP B 245 1.41 -24.72 -9.77
N PRO B 246 0.94 -25.05 -10.97
CA PRO B 246 1.68 -24.67 -12.19
C PRO B 246 1.72 -23.16 -12.39
N VAL B 247 2.64 -22.76 -13.28
CA VAL B 247 2.63 -21.43 -13.87
C VAL B 247 2.19 -21.59 -15.31
N VAL B 248 1.28 -20.73 -15.77
CA VAL B 248 0.82 -20.72 -17.15
C VAL B 248 1.15 -19.37 -17.76
N GLY B 249 1.81 -19.39 -18.92
CA GLY B 249 2.10 -18.18 -19.68
C GLY B 249 1.51 -18.35 -21.06
N GLN B 250 0.94 -17.28 -21.60
CA GLN B 250 0.18 -17.34 -22.85
C GLN B 250 0.45 -16.04 -23.61
N PHE B 251 0.87 -16.13 -24.87
CA PHE B 251 1.49 -14.97 -25.53
C PHE B 251 1.35 -15.09 -27.04
N SER B 252 1.68 -13.98 -27.73
CA SER B 252 1.59 -13.96 -29.19
C SER B 252 2.95 -13.92 -29.87
N SER B 253 4.04 -13.88 -29.13
CA SER B 253 5.36 -13.94 -29.75
C SER B 253 6.38 -14.37 -28.71
N VAL B 254 7.56 -14.75 -29.19
CA VAL B 254 8.65 -15.27 -28.37
C VAL B 254 9.94 -14.59 -28.82
N GLY B 255 10.73 -14.13 -27.85
CA GLY B 255 12.06 -13.62 -28.13
C GLY B 255 13.11 -14.71 -28.01
N SER B 256 14.37 -14.29 -28.17
CA SER B 256 15.49 -15.19 -27.99
C SER B 256 15.76 -15.38 -26.50
N LEU B 257 15.58 -16.61 -26.01
CA LEU B 257 15.66 -16.90 -24.58
C LEU B 257 16.97 -17.55 -24.16
N GLY B 258 17.81 -17.96 -25.10
CA GLY B 258 19.10 -18.55 -24.78
C GLY B 258 19.20 -19.99 -25.23
N ALA B 259 20.39 -20.55 -24.99
CA ALA B 259 20.71 -21.89 -25.50
C ALA B 259 20.01 -23.01 -24.74
N ASP B 260 19.53 -22.74 -23.52
CA ASP B 260 18.73 -23.72 -22.81
C ASP B 260 17.89 -22.99 -21.76
N GLU B 261 17.02 -23.76 -21.11
CA GLU B 261 16.06 -23.16 -20.16
C GLU B 261 16.74 -22.51 -18.97
N SER B 262 17.97 -22.90 -18.65
CA SER B 262 18.64 -22.34 -17.47
C SER B 262 19.22 -20.96 -17.71
N LYS B 263 19.25 -20.47 -18.95
CA LYS B 263 19.86 -19.16 -19.19
C LYS B 263 18.95 -18.01 -18.78
N TRP B 264 17.64 -18.21 -18.80
CA TRP B 264 16.73 -17.12 -18.42
C TRP B 264 15.33 -17.62 -18.07
N LEU B 265 14.79 -18.55 -18.86
CA LEU B 265 13.39 -18.92 -18.74
C LEU B 265 13.08 -19.50 -17.37
N CYS B 266 13.82 -20.53 -16.96
CA CYS B 266 13.58 -21.12 -15.65
C CYS B 266 14.40 -20.48 -14.55
N SER B 267 15.55 -19.88 -14.90
CA SER B 267 16.44 -19.38 -13.86
C SER B 267 15.91 -18.08 -13.25
N GLU B 268 15.40 -17.15 -14.07
CA GLU B 268 14.92 -15.92 -13.46
C GLU B 268 13.48 -15.58 -13.80
N PHE B 269 13.00 -15.91 -15.00
CA PHE B 269 11.60 -15.61 -15.33
C PHE B 269 10.66 -16.50 -14.52
N LYS B 270 10.86 -17.82 -14.58
CA LYS B 270 10.00 -18.73 -13.82
C LYS B 270 10.14 -18.50 -12.32
N GLU B 271 11.36 -18.20 -11.86
CA GLU B 271 11.57 -17.98 -10.43
C GLU B 271 10.73 -16.81 -9.91
N SER B 272 10.69 -15.70 -10.66
CA SER B 272 9.81 -14.60 -10.25
C SER B 272 8.36 -15.03 -10.27
N MET B 273 7.96 -15.81 -11.28
CA MET B 273 6.55 -16.16 -11.43
C MET B 273 6.09 -17.18 -10.38
N LEU B 274 7.00 -17.99 -9.84
N LEU B 274 6.99 -17.98 -9.83
CA LEU B 274 6.63 -18.95 -8.79
CA LEU B 274 6.58 -18.94 -8.81
C LEU B 274 6.40 -18.27 -7.45
C LEU B 274 6.63 -18.36 -7.40
N THR B 275 6.99 -17.09 -7.25
CA THR B 275 7.04 -16.48 -5.93
C THR B 275 5.66 -16.35 -5.31
N LEU B 276 5.57 -16.70 -4.03
CA LEU B 276 4.37 -16.52 -3.23
C LEU B 276 4.80 -16.23 -1.80
N GLY B 277 4.49 -15.05 -1.29
CA GLY B 277 4.75 -14.76 0.11
C GLY B 277 6.19 -14.37 0.37
N LYS B 278 6.49 -14.15 1.66
CA LYS B 278 7.72 -13.51 2.07
C LYS B 278 8.79 -14.46 2.60
N GLU B 279 8.55 -15.77 2.55
CA GLU B 279 9.51 -16.71 3.10
C GLU B 279 10.45 -17.21 2.02
N SER B 280 11.40 -18.06 2.42
CA SER B 280 12.47 -18.53 1.55
C SER B 280 11.93 -19.25 0.31
N SER B 286 13.67 -26.25 -8.89
CA SER B 286 12.23 -26.13 -8.69
C SER B 286 11.45 -27.10 -9.57
N SER B 287 10.47 -27.77 -8.99
CA SER B 287 9.64 -28.74 -9.69
C SER B 287 8.33 -28.14 -10.17
N VAL B 288 8.17 -26.82 -10.09
CA VAL B 288 6.89 -26.22 -10.52
C VAL B 288 6.72 -26.42 -12.01
N PRO B 289 5.60 -26.97 -12.47
CA PRO B 289 5.42 -27.15 -13.91
C PRO B 289 5.14 -25.82 -14.60
N LEU B 290 5.71 -25.66 -15.80
CA LEU B 290 5.56 -24.45 -16.59
C LEU B 290 4.87 -24.80 -17.90
N TYR B 291 3.64 -24.29 -18.06
N TYR B 291 3.70 -24.20 -18.14
CA TYR B 291 2.88 -24.41 -19.30
CA TYR B 291 2.93 -24.50 -19.35
C TYR B 291 3.05 -23.13 -20.10
C TYR B 291 2.78 -23.24 -20.18
N LEU B 292 3.36 -23.26 -21.38
CA LEU B 292 3.37 -22.12 -22.29
C LEU B 292 2.36 -22.38 -23.39
N ILE B 293 1.45 -21.44 -23.59
CA ILE B 293 0.37 -21.56 -24.58
C ILE B 293 0.69 -20.65 -25.75
N TYR B 294 0.84 -21.25 -26.95
CA TYR B 294 1.19 -20.53 -28.14
C TYR B 294 0.65 -21.29 -29.35
N PRO B 295 -0.01 -20.61 -30.31
CA PRO B 295 -0.69 -21.33 -31.40
C PRO B 295 0.24 -22.21 -32.24
N SER B 296 -0.20 -23.43 -32.47
CA SER B 296 0.45 -24.32 -33.43
C SER B 296 0.14 -23.83 -34.84
N VAL B 297 0.89 -24.37 -35.81
CA VAL B 297 0.57 -24.12 -37.21
C VAL B 297 -0.87 -24.53 -37.52
N GLU B 298 -1.29 -25.69 -37.01
N GLU B 298 -1.29 -25.69 -37.00
CA GLU B 298 -2.66 -26.14 -37.24
CA GLU B 298 -2.66 -26.14 -37.25
C GLU B 298 -3.68 -25.18 -36.65
C GLU B 298 -3.68 -25.19 -36.65
N ASN B 299 -3.41 -24.67 -35.45
CA ASN B 299 -4.29 -23.68 -34.85
C ASN B 299 -4.50 -22.49 -35.78
N VAL B 300 -3.41 -21.98 -36.35
CA VAL B 300 -3.50 -20.83 -37.25
C VAL B 300 -4.17 -21.21 -38.56
N ARG B 301 -3.82 -22.37 -39.13
CA ARG B 301 -4.35 -22.76 -40.44
C ARG B 301 -5.87 -22.84 -40.43
N THR B 302 -6.46 -23.35 -39.35
CA THR B 302 -7.90 -23.54 -39.30
C THR B 302 -8.62 -22.43 -38.52
N SER B 303 -7.95 -21.30 -38.29
CA SER B 303 -8.55 -20.19 -37.55
C SER B 303 -9.57 -19.45 -38.43
N LEU B 304 -10.30 -18.52 -37.80
CA LEU B 304 -11.25 -17.72 -38.56
C LEU B 304 -10.57 -16.95 -39.68
N GLU B 305 -9.35 -16.47 -39.43
CA GLU B 305 -8.61 -15.71 -40.42
C GLU B 305 -7.77 -16.57 -41.34
N GLY B 306 -7.48 -17.79 -40.95
CA GLY B 306 -6.52 -18.58 -41.69
C GLY B 306 -5.10 -18.14 -41.42
N TYR B 307 -4.22 -18.48 -42.37
CA TYR B 307 -2.81 -18.12 -42.22
C TYR B 307 -2.55 -16.65 -41.93
N PRO B 308 -3.32 -15.69 -42.46
CA PRO B 308 -3.03 -14.28 -42.12
C PRO B 308 -3.12 -13.96 -40.65
N ALA B 309 -3.79 -14.79 -39.83
CA ALA B 309 -3.69 -14.58 -38.39
C ALA B 309 -2.24 -14.63 -37.92
N GLY B 310 -1.42 -15.41 -38.62
CA GLY B 310 -0.03 -15.54 -38.26
C GLY B 310 0.82 -14.31 -38.54
N GLY B 311 0.29 -13.34 -39.28
CA GLY B 311 0.96 -12.06 -39.39
C GLY B 311 1.04 -11.31 -38.07
N SER B 312 0.18 -11.66 -37.10
CA SER B 312 0.21 -11.09 -35.75
C SER B 312 0.73 -12.06 -34.70
N LEU B 313 1.47 -13.09 -35.13
CA LEU B 313 2.15 -14.04 -34.26
C LEU B 313 3.61 -14.11 -34.70
N PRO B 314 4.41 -13.04 -34.40
CA PRO B 314 5.69 -12.82 -35.09
C PRO B 314 6.89 -13.57 -34.53
N TYR B 315 6.74 -14.88 -34.35
CA TYR B 315 7.85 -15.76 -34.00
C TYR B 315 8.64 -16.09 -35.27
N SER B 316 9.90 -15.66 -35.32
CA SER B 316 10.70 -15.81 -36.53
C SER B 316 11.50 -17.11 -36.51
N ILE B 317 11.81 -17.61 -37.71
CA ILE B 317 12.58 -18.85 -37.80
C ILE B 317 13.98 -18.64 -37.26
N GLN B 318 14.54 -17.44 -37.43
CA GLN B 318 15.88 -17.16 -36.92
C GLN B 318 15.94 -17.34 -35.42
N THR B 319 14.92 -16.88 -34.70
CA THR B 319 14.91 -17.04 -33.25
C THR B 319 14.57 -18.47 -32.86
N ALA B 320 13.57 -19.06 -33.52
CA ALA B 320 13.08 -20.38 -33.14
C ALA B 320 14.15 -21.45 -33.31
N GLU B 321 14.95 -21.36 -34.38
CA GLU B 321 15.94 -22.41 -34.62
C GLU B 321 17.07 -22.37 -33.59
N LYS B 322 17.21 -21.27 -32.85
CA LYS B 322 18.18 -21.16 -31.77
C LYS B 322 17.75 -21.88 -30.50
N GLN B 323 16.48 -22.28 -30.38
CA GLN B 323 15.93 -22.65 -29.09
C GLN B 323 14.84 -23.72 -29.24
N ASN B 324 15.12 -24.77 -30.01
CA ASN B 324 14.13 -25.83 -30.14
C ASN B 324 13.83 -26.52 -28.81
N TRP B 325 14.73 -26.41 -27.82
CA TRP B 325 14.43 -26.91 -26.49
C TRP B 325 13.13 -26.33 -25.94
N LEU B 326 12.81 -25.09 -26.33
CA LEU B 326 11.64 -24.39 -25.77
C LEU B 326 10.33 -25.06 -26.17
N HIS B 327 10.27 -25.64 -27.37
CA HIS B 327 8.96 -26.02 -27.90
C HIS B 327 8.35 -27.22 -27.18
N SER B 328 9.12 -27.96 -26.38
N SER B 328 9.12 -27.95 -26.38
CA SER B 328 8.53 -29.01 -25.57
CA SER B 328 8.57 -29.01 -25.55
C SER B 328 7.67 -28.46 -24.43
C SER B 328 7.69 -28.47 -24.43
N TYR B 329 7.73 -27.15 -24.18
CA TYR B 329 6.86 -26.50 -23.22
C TYR B 329 5.53 -26.06 -23.81
N PHE B 330 5.37 -26.18 -25.13
CA PHE B 330 4.29 -25.48 -25.82
C PHE B 330 3.01 -26.30 -25.82
N HIS B 331 1.89 -25.60 -25.62
CA HIS B 331 0.55 -26.13 -25.56
C HIS B 331 -0.33 -25.36 -26.55
N LYS B 332 -1.31 -26.06 -27.10
CA LYS B 332 -2.19 -25.50 -28.13
C LYS B 332 -3.06 -24.38 -27.59
N TRP B 333 -3.48 -23.49 -28.49
CA TRP B 333 -4.54 -22.54 -28.19
C TRP B 333 -5.89 -23.26 -28.25
N SER B 334 -6.64 -23.21 -27.15
CA SER B 334 -7.98 -23.77 -27.14
C SER B 334 -8.81 -22.89 -26.22
N ALA B 335 -9.98 -22.47 -26.69
CA ALA B 335 -10.79 -21.53 -25.92
C ALA B 335 -12.28 -21.82 -26.12
N GLU B 336 -12.65 -23.09 -25.97
CA GLU B 336 -14.06 -23.46 -26.03
C GLU B 336 -14.89 -22.70 -25.00
N THR B 337 -14.28 -22.42 -23.84
CA THR B 337 -15.00 -21.73 -22.77
C THR B 337 -15.55 -20.38 -23.22
N SER B 338 -14.86 -19.69 -24.15
CA SER B 338 -15.30 -18.40 -24.64
C SER B 338 -15.62 -18.43 -26.14
N GLY B 339 -15.80 -19.61 -26.71
CA GLY B 339 -16.12 -19.73 -28.13
C GLY B 339 -15.05 -19.20 -29.07
N ARG B 340 -13.79 -19.19 -28.62
CA ARG B 340 -12.73 -18.48 -29.32
C ARG B 340 -11.56 -19.38 -29.72
N SER B 341 -11.77 -20.70 -29.83
CA SER B 341 -10.70 -21.58 -30.28
C SER B 341 -10.16 -21.18 -31.65
N ASN B 342 -11.01 -20.58 -32.49
CA ASN B 342 -10.61 -20.19 -33.84
C ASN B 342 -10.28 -18.71 -33.95
N ALA B 343 -10.32 -17.98 -32.85
CA ALA B 343 -9.94 -16.55 -32.81
C ALA B 343 -8.53 -16.49 -32.24
N MET B 344 -7.54 -16.31 -33.10
CA MET B 344 -6.17 -16.46 -32.64
C MET B 344 -5.84 -15.42 -31.57
N PRO B 345 -5.04 -15.79 -30.58
CA PRO B 345 -4.77 -14.87 -29.45
C PRO B 345 -3.73 -13.81 -29.80
N HIS B 346 -4.10 -12.56 -29.53
CA HIS B 346 -3.14 -11.48 -29.39
C HIS B 346 -3.11 -10.97 -27.96
N ILE B 347 -4.04 -11.41 -27.13
CA ILE B 347 -3.95 -11.23 -25.69
C ILE B 347 -2.69 -11.91 -25.17
N LYS B 348 -2.17 -11.40 -24.05
CA LYS B 348 -1.09 -12.06 -23.31
C LYS B 348 -1.54 -12.19 -21.86
N THR B 349 -1.39 -13.38 -21.30
CA THR B 349 -1.81 -13.62 -19.92
C THR B 349 -0.85 -14.55 -19.22
N TYR B 350 -0.77 -14.38 -17.90
CA TYR B 350 0.06 -15.22 -17.05
C TYR B 350 -0.75 -15.50 -15.79
N MET B 351 -0.67 -16.73 -15.28
CA MET B 351 -1.46 -17.04 -14.10
C MET B 351 -0.91 -18.26 -13.38
N ARG B 352 -1.45 -18.49 -12.18
CA ARG B 352 -0.95 -19.52 -11.26
C ARG B 352 -2.12 -20.39 -10.81
N PRO B 353 -2.49 -21.39 -11.62
CA PRO B 353 -3.60 -22.28 -11.25
C PRO B 353 -3.18 -23.30 -10.19
N SER B 354 -4.21 -23.84 -9.53
CA SER B 354 -4.05 -24.96 -8.60
C SER B 354 -3.75 -26.23 -9.39
N PRO B 355 -3.35 -27.31 -8.72
CA PRO B 355 -2.97 -28.52 -9.47
C PRO B 355 -4.09 -29.11 -10.31
N ASP B 356 -5.36 -28.91 -9.93
CA ASP B 356 -6.47 -29.39 -10.73
C ASP B 356 -7.13 -28.29 -11.56
N PHE B 357 -6.49 -27.11 -11.64
CA PHE B 357 -6.92 -25.99 -12.48
C PHE B 357 -8.31 -25.47 -12.10
N SER B 358 -8.75 -25.71 -10.86
CA SER B 358 -10.06 -25.23 -10.44
C SER B 358 -10.00 -23.87 -9.77
N LYS B 359 -8.80 -23.47 -9.36
CA LYS B 359 -8.57 -22.21 -8.66
C LYS B 359 -7.35 -21.55 -9.27
N ILE B 360 -7.18 -20.25 -9.04
CA ILE B 360 -5.95 -19.56 -9.40
C ILE B 360 -5.52 -18.65 -8.26
N ALA B 361 -4.20 -18.57 -8.06
CA ALA B 361 -3.64 -17.70 -7.04
C ALA B 361 -3.48 -16.26 -7.51
N TRP B 362 -3.49 -16.02 -8.82
CA TRP B 362 -3.44 -14.67 -9.37
C TRP B 362 -3.59 -14.78 -10.89
N PHE B 363 -3.83 -13.63 -11.52
CA PHE B 363 -3.99 -13.55 -12.97
C PHE B 363 -3.46 -12.20 -13.43
N LEU B 364 -2.69 -12.22 -14.52
CA LEU B 364 -2.12 -11.02 -15.12
C LEU B 364 -2.54 -10.96 -16.59
N VAL B 365 -3.07 -9.80 -17.01
CA VAL B 365 -3.25 -9.51 -18.44
C VAL B 365 -2.29 -8.38 -18.78
N THR B 366 -1.58 -8.52 -19.90
CA THR B 366 -0.48 -7.60 -20.17
C THR B 366 -0.21 -7.52 -21.66
N SER B 367 0.61 -6.54 -22.04
CA SER B 367 1.17 -6.53 -23.38
C SER B 367 2.42 -7.40 -23.51
N ALA B 368 2.99 -7.86 -22.40
CA ALA B 368 4.32 -8.47 -22.43
C ALA B 368 4.28 -9.89 -22.99
N ASN B 369 4.99 -10.12 -24.08
CA ASN B 369 5.23 -11.45 -24.63
C ASN B 369 6.34 -12.15 -23.86
N LEU B 370 6.66 -13.38 -24.29
CA LEU B 370 7.69 -14.18 -23.63
C LEU B 370 9.06 -13.77 -24.18
N SER B 371 9.60 -12.72 -23.59
CA SER B 371 10.85 -12.17 -24.10
C SER B 371 11.57 -11.39 -23.02
N LYS B 372 12.91 -11.46 -23.07
CA LYS B 372 13.73 -10.66 -22.17
C LYS B 372 13.55 -9.17 -22.40
N ALA B 373 13.25 -8.76 -23.64
CA ALA B 373 13.07 -7.34 -23.91
C ALA B 373 11.90 -6.76 -23.13
N ALA B 374 10.85 -7.56 -22.93
CA ALA B 374 9.64 -7.12 -22.24
C ALA B 374 9.74 -7.27 -20.73
N TRP B 375 10.27 -8.39 -20.26
CA TRP B 375 10.26 -8.72 -18.84
C TRP B 375 11.54 -8.32 -18.13
N GLY B 376 12.63 -8.14 -18.85
CA GLY B 376 13.89 -7.80 -18.24
C GLY B 376 14.83 -8.98 -18.13
N ALA B 377 16.13 -8.70 -18.18
CA ALA B 377 17.16 -9.71 -18.01
C ALA B 377 18.29 -9.14 -17.17
N LEU B 378 18.76 -9.93 -16.21
CA LEU B 378 19.85 -9.49 -15.36
C LEU B 378 21.16 -9.48 -16.13
N GLU B 379 21.98 -8.47 -15.88
CA GLU B 379 23.35 -8.40 -16.36
C GLU B 379 24.26 -7.98 -15.20
N LYS B 380 25.57 -7.95 -15.46
CA LYS B 380 26.56 -7.45 -14.51
C LYS B 380 26.56 -8.27 -13.22
N ASN B 381 26.63 -9.59 -13.37
CA ASN B 381 26.56 -10.52 -12.25
C ASN B 381 25.39 -10.19 -11.33
N GLY B 382 24.23 -9.99 -11.95
CA GLY B 382 23.01 -9.72 -11.21
C GLY B 382 22.87 -8.32 -10.67
N THR B 383 23.68 -7.37 -11.14
CA THR B 383 23.63 -6.01 -10.58
C THR B 383 22.51 -5.19 -11.20
N GLN B 384 22.35 -5.25 -12.52
CA GLN B 384 21.37 -4.44 -13.23
C GLN B 384 20.32 -5.32 -13.89
N LEU B 385 19.08 -4.85 -13.89
CA LEU B 385 18.01 -5.43 -14.69
C LEU B 385 17.80 -4.57 -15.92
N MET B 386 18.04 -5.15 -17.09
CA MET B 386 17.94 -4.41 -18.34
C MET B 386 16.62 -4.72 -19.02
N ILE B 387 15.87 -3.69 -19.35
CA ILE B 387 14.61 -3.78 -20.08
C ILE B 387 14.72 -2.93 -21.34
N ARG B 388 14.23 -3.46 -22.46
CA ARG B 388 14.36 -2.72 -23.72
C ARG B 388 13.09 -1.99 -24.13
N SER B 389 11.93 -2.41 -23.63
N SER B 389 11.93 -2.41 -23.63
CA SER B 389 10.64 -2.00 -24.21
CA SER B 389 10.66 -1.98 -24.18
C SER B 389 9.69 -1.49 -23.14
C SER B 389 9.75 -1.39 -23.12
N TYR B 390 8.71 -0.70 -23.59
CA TYR B 390 7.59 -0.31 -22.76
C TYR B 390 6.52 -1.40 -22.83
N GLU B 391 6.08 -1.87 -21.65
CA GLU B 391 4.99 -2.84 -21.55
C GLU B 391 4.09 -2.41 -20.39
N LEU B 392 2.83 -2.85 -20.42
CA LEU B 392 1.93 -2.53 -19.31
C LEU B 392 0.87 -3.60 -19.16
N GLY B 393 0.58 -3.98 -17.91
CA GLY B 393 -0.48 -4.92 -17.63
C GLY B 393 -1.05 -4.68 -16.24
N VAL B 394 -2.10 -5.42 -15.91
CA VAL B 394 -2.71 -5.33 -14.58
C VAL B 394 -2.80 -6.72 -13.97
N LEU B 395 -2.52 -6.76 -12.66
CA LEU B 395 -2.45 -7.98 -11.88
C LEU B 395 -3.65 -8.05 -10.94
N PHE B 396 -4.37 -9.17 -11.01
CA PHE B 396 -5.48 -9.50 -10.11
C PHE B 396 -4.96 -10.44 -9.03
N LEU B 397 -4.95 -9.95 -7.78
CA LEU B 397 -4.57 -10.75 -6.62
C LEU B 397 -5.77 -10.97 -5.72
N PRO B 398 -6.00 -12.21 -5.26
CA PRO B 398 -7.14 -12.47 -4.37
C PRO B 398 -7.19 -11.57 -3.15
N SER B 399 -6.03 -11.23 -2.57
CA SER B 399 -6.02 -10.39 -1.38
C SER B 399 -6.63 -9.01 -1.64
N ALA B 400 -6.51 -8.51 -2.87
CA ALA B 400 -7.08 -7.20 -3.21
C ALA B 400 -8.59 -7.26 -3.29
N PHE B 401 -9.17 -8.46 -3.24
CA PHE B 401 -10.61 -8.66 -3.27
C PHE B 401 -11.13 -9.32 -2.01
N GLY B 402 -10.30 -9.41 -0.96
CA GLY B 402 -10.71 -10.07 0.27
C GLY B 402 -10.80 -11.57 0.16
N LEU B 403 -10.06 -12.17 -0.77
CA LEU B 403 -10.12 -13.61 -1.02
C LEU B 403 -8.74 -14.23 -0.85
N ASP B 404 -8.72 -15.56 -0.67
CA ASP B 404 -7.46 -16.29 -0.65
C ASP B 404 -7.10 -16.87 -2.02
N SER B 405 -8.10 -17.10 -2.87
CA SER B 405 -7.89 -17.55 -4.25
C SER B 405 -9.12 -17.17 -5.06
N PHE B 406 -8.98 -17.26 -6.39
CA PHE B 406 -10.12 -17.10 -7.27
C PHE B 406 -10.57 -18.48 -7.75
N LYS B 407 -11.89 -18.69 -7.79
CA LYS B 407 -12.43 -19.85 -8.50
C LYS B 407 -12.37 -19.55 -10.00
N VAL B 408 -12.06 -20.56 -10.80
CA VAL B 408 -12.03 -20.37 -12.25
C VAL B 408 -13.46 -20.46 -12.77
N LYS B 409 -13.88 -19.45 -13.55
CA LYS B 409 -15.23 -19.47 -14.11
C LYS B 409 -15.35 -20.60 -15.13
N GLN B 410 -16.38 -21.44 -14.98
CA GLN B 410 -16.44 -22.66 -15.78
C GLN B 410 -16.77 -22.35 -17.24
N LYS B 411 -17.70 -21.43 -17.48
CA LYS B 411 -17.96 -20.91 -18.81
C LYS B 411 -17.78 -19.39 -18.78
N PHE B 412 -17.02 -18.87 -19.73
CA PHE B 412 -16.55 -17.48 -19.66
C PHE B 412 -17.70 -16.49 -19.64
N PHE B 413 -18.77 -16.77 -20.39
CA PHE B 413 -19.87 -15.83 -20.53
C PHE B 413 -21.11 -16.24 -19.73
N ALA B 414 -21.07 -17.36 -19.02
CA ALA B 414 -22.21 -17.84 -18.25
C ALA B 414 -22.35 -17.03 -16.96
N GLY B 415 -23.23 -17.47 -16.08
CA GLY B 415 -23.48 -16.78 -14.82
C GLY B 415 -22.47 -17.15 -13.75
N PRO B 419 -21.35 -17.22 -7.55
CA PRO B 419 -20.92 -15.91 -7.06
C PRO B 419 -19.87 -15.27 -7.96
N MET B 420 -19.92 -13.95 -8.11
CA MET B 420 -18.99 -13.26 -9.00
C MET B 420 -17.56 -13.23 -8.46
N ALA B 421 -17.27 -14.04 -7.44
CA ALA B 421 -15.91 -14.27 -6.95
C ALA B 421 -15.13 -15.29 -7.79
N THR B 422 -15.59 -15.54 -9.02
CA THR B 422 -14.93 -16.48 -9.92
C THR B 422 -14.33 -15.71 -11.08
N PHE B 423 -13.11 -16.05 -11.41
CA PHE B 423 -12.44 -15.19 -12.38
C PHE B 423 -12.63 -15.71 -13.79
N PRO B 424 -12.92 -14.82 -14.75
CA PRO B 424 -13.20 -15.27 -16.13
C PRO B 424 -11.94 -15.55 -16.95
N VAL B 425 -11.36 -16.73 -16.74
CA VAL B 425 -10.23 -17.16 -17.56
C VAL B 425 -10.70 -17.40 -18.99
N PRO B 426 -10.08 -16.80 -20.00
CA PRO B 426 -10.68 -16.80 -21.35
C PRO B 426 -10.37 -18.03 -22.20
N TYR B 427 -9.47 -18.90 -21.79
CA TYR B 427 -9.14 -20.09 -22.55
C TYR B 427 -9.27 -21.31 -21.66
N ASP B 428 -9.15 -22.48 -22.29
CA ASP B 428 -9.48 -23.74 -21.64
C ASP B 428 -8.35 -24.24 -20.75
N LEU B 429 -8.74 -24.86 -19.62
CA LEU B 429 -7.82 -25.51 -18.71
C LEU B 429 -8.26 -26.96 -18.51
N PRO B 430 -7.31 -27.91 -18.39
CA PRO B 430 -5.86 -27.71 -18.47
C PRO B 430 -5.44 -27.47 -19.92
N PRO B 431 -4.30 -26.81 -20.13
CA PRO B 431 -3.80 -26.63 -21.50
C PRO B 431 -3.37 -27.97 -22.09
N GLU B 432 -3.54 -28.10 -23.41
CA GLU B 432 -3.27 -29.36 -24.11
C GLU B 432 -1.92 -29.28 -24.81
N LEU B 433 -1.07 -30.26 -24.54
CA LEU B 433 0.26 -30.29 -25.12
C LEU B 433 0.17 -30.43 -26.64
N TYR B 434 1.12 -29.78 -27.34
CA TYR B 434 1.29 -30.05 -28.76
C TYR B 434 1.37 -31.54 -29.02
N GLY B 435 0.76 -31.98 -30.12
CA GLY B 435 0.97 -33.33 -30.60
C GLY B 435 2.35 -33.49 -31.23
N SER B 436 2.72 -34.75 -31.47
CA SER B 436 4.05 -35.04 -31.99
C SER B 436 4.26 -34.42 -33.37
N LYS B 437 3.20 -34.26 -34.15
CA LYS B 437 3.30 -33.64 -35.47
C LYS B 437 3.12 -32.12 -35.43
N ASP B 438 2.72 -31.56 -34.30
CA ASP B 438 2.49 -30.12 -34.22
C ASP B 438 3.82 -29.36 -34.19
N ARG B 439 3.79 -28.14 -34.71
CA ARG B 439 4.91 -27.22 -34.67
C ARG B 439 4.42 -25.84 -34.28
N PRO B 440 5.26 -25.04 -33.61
CA PRO B 440 4.84 -23.67 -33.29
C PRO B 440 4.63 -22.88 -34.57
N TRP B 441 3.68 -21.96 -34.54
CA TRP B 441 3.57 -21.04 -35.66
C TRP B 441 4.83 -20.21 -35.78
N ILE B 442 5.46 -20.25 -36.96
CA ILE B 442 6.62 -19.42 -37.28
C ILE B 442 6.25 -18.60 -38.49
N TRP B 443 6.30 -17.28 -38.36
CA TRP B 443 5.57 -16.45 -39.31
C TRP B 443 6.30 -16.24 -40.63
N ASN B 444 7.61 -16.47 -40.69
CA ASN B 444 8.37 -16.11 -41.88
C ASN B 444 8.94 -17.32 -42.61
N ILE B 445 8.25 -18.45 -42.56
CA ILE B 445 8.50 -19.59 -43.45
C ILE B 445 7.21 -19.90 -44.17
N PRO B 446 7.28 -20.53 -45.33
CA PRO B 446 6.05 -20.81 -46.08
C PRO B 446 5.33 -22.05 -45.59
N TYR B 447 4.00 -22.02 -45.79
CA TYR B 447 3.12 -23.16 -45.52
C TYR B 447 2.31 -23.37 -46.78
N VAL B 448 2.70 -24.37 -47.58
CA VAL B 448 2.17 -24.55 -48.92
C VAL B 448 1.63 -25.95 -49.17
N LYS B 449 1.60 -26.82 -48.16
CA LYS B 449 1.13 -28.16 -48.42
C LYS B 449 -0.32 -28.38 -48.00
N ALA B 450 -0.88 -27.49 -47.18
CA ALA B 450 -2.27 -27.59 -46.78
C ALA B 450 -2.89 -26.20 -46.80
N PRO B 451 -3.99 -26.01 -47.50
CA PRO B 451 -4.63 -24.69 -47.53
C PRO B 451 -5.32 -24.39 -46.21
N ASP B 452 -5.55 -23.09 -45.98
CA ASP B 452 -6.14 -22.65 -44.73
C ASP B 452 -7.66 -22.56 -44.88
N THR B 453 -8.31 -21.98 -43.88
CA THR B 453 -9.76 -21.79 -43.86
C THR B 453 -10.30 -21.15 -45.13
N HIS B 454 -9.53 -20.27 -45.78
CA HIS B 454 -10.00 -19.55 -46.95
C HIS B 454 -9.41 -20.09 -48.24
N GLY B 455 -8.85 -21.29 -48.19
CA GLY B 455 -8.33 -21.94 -49.38
C GLY B 455 -6.98 -21.44 -49.83
N ASN B 456 -6.25 -20.76 -48.97
CA ASN B 456 -5.02 -20.05 -49.32
C ASN B 456 -3.81 -20.72 -48.69
N MET B 457 -2.66 -20.48 -49.29
N MET B 457 -2.65 -20.46 -49.30
CA MET B 457 -1.37 -20.84 -48.71
CA MET B 457 -1.35 -20.81 -48.76
C MET B 457 -0.70 -19.60 -48.15
C MET B 457 -0.71 -19.58 -48.13
N TRP B 458 0.40 -19.80 -47.42
CA TRP B 458 1.13 -18.73 -46.77
C TRP B 458 2.55 -18.70 -47.31
N VAL B 459 2.91 -17.59 -47.96
CA VAL B 459 4.23 -17.40 -48.54
C VAL B 459 4.73 -16.01 -48.16
N PRO B 460 5.53 -15.88 -47.09
CA PRO B 460 6.02 -14.61 -46.57
C PRO B 460 7.24 -14.08 -47.30
#